data_1FVV
#
_entry.id   1FVV
#
_cell.length_a   184.952
_cell.length_b   184.952
_cell.length_c   212.832
_cell.angle_alpha   90.00
_cell.angle_beta   90.00
_cell.angle_gamma   120.00
#
_symmetry.space_group_name_H-M   'P 62 2 2'
#
loop_
_entity.id
_entity.type
_entity.pdbx_description
1 polymer 'CYCLIN-DEPENDENT KINASE 2'
2 polymer 'CYCLIN A'
3 non-polymer 4-[(7-OXO-7H-THIAZOLO[5,4-E]INDOL-8-YLMETHYL)-AMINO]-N-PYRIDIN-2-YL-BENZENESULFONAMIDE
4 water water
#
loop_
_entity_poly.entity_id
_entity_poly.type
_entity_poly.pdbx_seq_one_letter_code
_entity_poly.pdbx_strand_id
1 'polypeptide(L)'
;MENFQKVEKIGEGTYGVVYKARNKLTGEVVALKKIRLDTETEGVPSTAIREISLLKELNHPNIVKLLDVIHTENKLYLVF
EFLHQDLKKFMDASALTGIPLPLIKSYLFQLLQGLAFCHSHRVLHRDLKPQNLLINTEGAIKLADFGLARAFGVPVRTYT
HEVVTLWYRAPEILLGCKYYSTAVDIWSLGCIFAEMVTRRALFPGDSEIDQLFRIFRTLGTPDEVVWPGVTSMPDYKPSF
PKWARQDFSKVVPPLDEDGRSLLSQMLHYDPNKRISAKAALAHPFFQDVTKPVPHLRL
;
A,C
2 'polypeptide(L)'
;NEVPDYHEDIHTYLREMEVKCKPKVGYMKKQPDITNSMRAILVDWLVEVGEEYKLQNETLHLAVNYIDRFLSSMSVLRGK
LQLVGTAAMLLASKFEEIYPPEVAEFVYITDDTYTKKQVLRMEHLVLKVLTFDLAAPTVNQFLTQYFLHQQPANCKVESL
AMFLGELSLIDADPYLKYLPSVIAGAAFHLALYTVTGQSWPESLIRKTGYTLESLKPCLMDLHQTYLKAPQHAQQSIREK
YKNSKYHGVSLLNPPETLNL
;
B,D
#
loop_
_chem_comp.id
_chem_comp.type
_chem_comp.name
_chem_comp.formula
107 non-polymer 4-[(7-OXO-7H-THIAZOLO[5,4-E]INDOL-8-YLMETHYL)-AMINO]-N-PYRIDIN-2-YL-BENZENESULFONAMIDE 'C21 H15 N5 O3 S2'
#
# COMPACT_ATOMS: atom_id res chain seq x y z
N MET A 1 11.63 -16.03 4.58
CA MET A 1 12.70 -16.66 3.77
C MET A 1 12.70 -18.18 3.89
N GLU A 2 11.92 -18.66 4.86
CA GLU A 2 11.79 -20.08 5.17
C GLU A 2 10.94 -20.85 4.18
N ASN A 3 10.10 -20.15 3.42
CA ASN A 3 9.24 -20.82 2.45
C ASN A 3 9.96 -21.06 1.14
N PHE A 4 11.23 -20.71 1.09
CA PHE A 4 12.03 -20.88 -0.13
C PHE A 4 13.03 -22.00 -0.05
N GLN A 5 13.18 -22.72 -1.15
CA GLN A 5 14.12 -23.81 -1.25
C GLN A 5 15.08 -23.49 -2.39
N LYS A 6 16.37 -23.38 -2.08
CA LYS A 6 17.34 -23.08 -3.12
C LYS A 6 17.56 -24.34 -3.95
N VAL A 7 17.71 -24.16 -5.26
CA VAL A 7 17.88 -25.27 -6.18
C VAL A 7 19.29 -25.35 -6.79
N GLU A 8 19.79 -24.21 -7.27
CA GLU A 8 21.13 -24.16 -7.88
C GLU A 8 21.60 -22.72 -8.02
N LYS A 9 22.90 -22.51 -8.14
CA LYS A 9 23.40 -21.15 -8.31
C LYS A 9 23.35 -20.83 -9.80
N ILE A 10 22.68 -19.76 -10.16
CA ILE A 10 22.56 -19.38 -11.57
C ILE A 10 23.20 -18.05 -11.92
N GLY A 11 24.24 -17.68 -11.18
CA GLY A 11 24.91 -16.43 -11.44
C GLY A 11 25.71 -15.86 -10.27
N GLU A 12 26.98 -15.62 -10.51
CA GLU A 12 27.86 -15.05 -9.50
C GLU A 12 27.59 -13.54 -9.44
N GLY A 13 28.12 -12.87 -8.43
CA GLY A 13 27.90 -11.45 -8.34
C GLY A 13 28.74 -10.75 -7.30
N THR A 14 29.14 -9.52 -7.61
CA THR A 14 29.93 -8.69 -6.72
C THR A 14 28.92 -7.92 -5.86
N TYR A 15 27.70 -7.84 -6.37
CA TYR A 15 26.59 -7.18 -5.71
C TYR A 15 25.84 -8.24 -4.92
N GLY A 16 25.85 -9.46 -5.46
CA GLY A 16 25.16 -10.56 -4.80
C GLY A 16 25.10 -11.82 -5.65
N VAL A 17 24.94 -12.96 -4.98
CA VAL A 17 24.84 -14.25 -5.65
C VAL A 17 23.38 -14.55 -5.97
N VAL A 18 23.12 -15.08 -7.16
CA VAL A 18 21.75 -15.39 -7.57
C VAL A 18 21.47 -16.88 -7.60
N TYR A 19 20.40 -17.28 -6.93
CA TYR A 19 20.00 -18.69 -6.88
C TYR A 19 18.63 -18.93 -7.45
N LYS A 20 18.47 -20.09 -8.07
CA LYS A 20 17.17 -20.47 -8.60
C LYS A 20 16.53 -21.13 -7.38
N ALA A 21 15.44 -20.57 -6.90
CA ALA A 21 14.77 -21.15 -5.74
C ALA A 21 13.34 -21.52 -6.09
N ARG A 22 12.66 -22.13 -5.13
CA ARG A 22 11.28 -22.56 -5.31
C ARG A 22 10.48 -22.20 -4.08
N ASN A 23 9.26 -21.72 -4.29
CA ASN A 23 8.37 -21.36 -3.19
C ASN A 23 7.71 -22.68 -2.77
N LYS A 24 8.06 -23.16 -1.58
CA LYS A 24 7.54 -24.42 -1.03
C LYS A 24 6.06 -24.43 -0.73
N LEU A 25 5.42 -23.27 -0.80
CA LEU A 25 4.00 -23.20 -0.52
C LEU A 25 3.14 -23.00 -1.76
N THR A 26 3.68 -22.33 -2.77
CA THR A 26 2.92 -22.06 -3.98
C THR A 26 3.41 -22.80 -5.20
N GLY A 27 4.66 -23.27 -5.15
CA GLY A 27 5.24 -24.01 -6.26
C GLY A 27 5.97 -23.13 -7.26
N GLU A 28 5.79 -21.82 -7.13
CA GLU A 28 6.43 -20.84 -8.01
C GLU A 28 7.95 -20.90 -7.99
N VAL A 29 8.54 -20.95 -9.17
CA VAL A 29 10.01 -20.96 -9.27
C VAL A 29 10.41 -19.51 -9.35
N VAL A 30 11.45 -19.17 -8.61
CA VAL A 30 11.88 -17.79 -8.52
C VAL A 30 13.42 -17.67 -8.52
N ALA A 31 13.92 -16.45 -8.71
CA ALA A 31 15.36 -16.20 -8.68
C ALA A 31 15.64 -15.33 -7.47
N LEU A 32 16.50 -15.80 -6.57
CA LEU A 32 16.83 -15.05 -5.38
C LEU A 32 18.15 -14.32 -5.49
N LYS A 33 18.13 -13.02 -5.20
CA LYS A 33 19.33 -12.20 -5.23
C LYS A 33 19.64 -11.99 -3.75
N LYS A 34 20.68 -12.65 -3.26
CA LYS A 34 21.05 -12.53 -1.85
C LYS A 34 22.13 -11.46 -1.74
N ILE A 35 21.98 -10.58 -0.76
CA ILE A 35 22.94 -9.51 -0.57
C ILE A 35 23.74 -9.63 0.73
N ARG A 36 25.05 -9.51 0.59
CA ARG A 36 26.00 -9.61 1.72
C ARG A 36 25.45 -8.93 2.98
N LEU A 37 25.38 -7.60 2.94
CA LEU A 37 24.86 -6.80 4.04
C LEU A 37 25.69 -6.86 5.32
N ASP A 38 25.77 -8.03 5.94
CA ASP A 38 26.53 -8.21 7.19
C ASP A 38 27.95 -7.63 7.09
N THR A 39 28.48 -7.62 5.87
CA THR A 39 29.81 -7.08 5.60
C THR A 39 29.66 -5.63 5.16
N GLU A 40 30.74 -5.06 4.63
CA GLU A 40 30.74 -3.68 4.15
C GLU A 40 30.60 -2.64 5.27
N THR A 41 29.91 -2.98 6.36
CA THR A 41 29.70 -2.04 7.47
C THR A 41 29.28 -0.66 6.95
N GLU A 42 28.68 -0.66 5.77
CA GLU A 42 28.21 0.56 5.12
C GLU A 42 26.73 0.43 4.79
N GLY A 43 25.99 -0.29 5.63
CA GLY A 43 24.58 -0.48 5.42
C GLY A 43 24.20 -1.13 4.10
N VAL A 44 23.00 -0.83 3.62
CA VAL A 44 22.49 -1.38 2.38
C VAL A 44 23.20 -0.81 1.17
N PRO A 45 23.65 -1.68 0.25
CA PRO A 45 24.35 -1.26 -0.97
C PRO A 45 23.54 -0.32 -1.83
N SER A 46 24.22 0.42 -2.70
CA SER A 46 23.54 1.35 -3.59
C SER A 46 22.86 0.60 -4.72
N THR A 47 23.57 -0.34 -5.32
CA THR A 47 22.99 -1.13 -6.41
C THR A 47 21.70 -1.79 -5.94
N ALA A 48 21.65 -2.15 -4.66
CA ALA A 48 20.45 -2.79 -4.11
C ALA A 48 19.34 -1.78 -3.93
N ILE A 49 19.71 -0.63 -3.38
CA ILE A 49 18.78 0.47 -3.15
C ILE A 49 18.19 0.97 -4.46
N ARG A 50 19.03 1.05 -5.50
CA ARG A 50 18.59 1.53 -6.81
C ARG A 50 17.84 0.47 -7.60
N GLU A 51 18.29 -0.78 -7.52
CA GLU A 51 17.63 -1.85 -8.26
C GLU A 51 16.24 -2.08 -7.73
N ILE A 52 16.12 -2.13 -6.41
CA ILE A 52 14.82 -2.34 -5.77
C ILE A 52 13.90 -1.18 -6.07
N SER A 53 14.35 0.02 -5.75
CA SER A 53 13.57 1.23 -5.94
C SER A 53 13.10 1.44 -7.37
N LEU A 54 14.02 1.38 -8.32
CA LEU A 54 13.64 1.62 -9.71
C LEU A 54 12.82 0.49 -10.31
N LEU A 55 13.14 -0.75 -9.94
CA LEU A 55 12.44 -1.90 -10.49
C LEU A 55 11.00 -1.95 -10.01
N LYS A 56 10.74 -1.49 -8.80
CA LYS A 56 9.37 -1.49 -8.26
C LYS A 56 8.43 -0.59 -9.08
N GLU A 57 9.02 0.30 -9.87
CA GLU A 57 8.26 1.21 -10.72
C GLU A 57 8.09 0.67 -12.13
N LEU A 58 8.95 -0.25 -12.52
CA LEU A 58 8.92 -0.78 -13.87
C LEU A 58 8.21 -2.10 -14.06
N ASN A 59 6.94 -2.05 -14.42
CA ASN A 59 6.20 -3.28 -14.64
C ASN A 59 5.95 -3.42 -16.13
N HIS A 60 6.76 -4.26 -16.78
CA HIS A 60 6.66 -4.47 -18.22
C HIS A 60 6.90 -5.94 -18.57
N PRO A 61 6.25 -6.44 -19.62
CA PRO A 61 6.45 -7.84 -20.00
C PRO A 61 7.87 -8.19 -20.44
N ASN A 62 8.67 -7.16 -20.73
CA ASN A 62 10.06 -7.35 -21.16
C ASN A 62 11.13 -6.91 -20.14
N ILE A 63 10.74 -6.85 -18.88
CA ILE A 63 11.65 -6.49 -17.80
C ILE A 63 11.37 -7.49 -16.70
N VAL A 64 12.41 -8.21 -16.26
CA VAL A 64 12.20 -9.20 -15.21
C VAL A 64 11.55 -8.51 -14.02
N LYS A 65 10.51 -9.13 -13.47
CA LYS A 65 9.79 -8.57 -12.33
C LYS A 65 10.41 -8.83 -10.97
N LEU A 66 10.34 -7.81 -10.11
CA LEU A 66 10.83 -7.95 -8.74
C LEU A 66 9.57 -8.37 -8.00
N LEU A 67 9.59 -9.59 -7.44
CA LEU A 67 8.43 -10.13 -6.74
C LEU A 67 8.31 -9.73 -5.28
N ASP A 68 9.44 -9.58 -4.61
CA ASP A 68 9.41 -9.25 -3.20
C ASP A 68 10.79 -8.87 -2.73
N VAL A 69 10.86 -8.21 -1.59
CA VAL A 69 12.13 -7.83 -1.01
C VAL A 69 12.03 -8.26 0.43
N ILE A 70 12.89 -9.19 0.82
CA ILE A 70 12.85 -9.66 2.19
C ILE A 70 14.11 -9.21 2.89
N HIS A 71 13.98 -8.13 3.67
CA HIS A 71 15.13 -7.64 4.42
C HIS A 71 14.93 -7.94 5.89
N THR A 72 16.03 -8.28 6.53
CA THR A 72 16.02 -8.62 7.93
C THR A 72 17.30 -8.14 8.60
N GLU A 73 17.72 -8.90 9.61
CA GLU A 73 18.93 -8.62 10.38
C GLU A 73 20.12 -8.32 9.47
N ASN A 74 20.88 -9.36 9.18
CA ASN A 74 22.08 -9.26 8.35
C ASN A 74 21.86 -9.75 6.92
N LYS A 75 20.64 -10.18 6.60
CA LYS A 75 20.36 -10.66 5.27
C LYS A 75 19.25 -9.90 4.55
N LEU A 76 19.51 -9.59 3.28
CA LEU A 76 18.57 -8.87 2.44
C LEU A 76 18.45 -9.69 1.15
N TYR A 77 17.25 -10.20 0.87
CA TYR A 77 17.04 -10.99 -0.34
C TYR A 77 16.07 -10.33 -1.29
N LEU A 78 16.41 -10.34 -2.58
CA LEU A 78 15.53 -9.79 -3.61
C LEU A 78 14.92 -11.00 -4.32
N VAL A 79 13.59 -11.07 -4.37
CA VAL A 79 12.93 -12.18 -5.02
C VAL A 79 12.45 -11.75 -6.41
N PHE A 80 12.98 -12.42 -7.43
CA PHE A 80 12.68 -12.11 -8.82
C PHE A 80 12.02 -13.23 -9.61
N GLU A 81 11.28 -12.87 -10.65
CA GLU A 81 10.69 -13.89 -11.52
C GLU A 81 11.90 -14.60 -12.14
N PHE A 82 11.76 -15.88 -12.46
CA PHE A 82 12.89 -16.66 -13.01
C PHE A 82 12.77 -16.99 -14.49
N LEU A 83 13.89 -17.05 -15.21
CA LEU A 83 13.88 -17.43 -16.63
C LEU A 83 14.97 -18.48 -16.89
N HIS A 84 14.68 -19.41 -17.78
CA HIS A 84 15.57 -20.53 -18.11
C HIS A 84 17.03 -20.20 -18.33
N GLN A 85 17.33 -19.25 -19.23
CA GLN A 85 18.71 -18.89 -19.49
C GLN A 85 18.92 -17.47 -20.01
N ASP A 86 20.19 -17.06 -20.10
CA ASP A 86 20.54 -15.75 -20.63
C ASP A 86 20.92 -15.83 -22.12
N LEU A 87 21.03 -14.68 -22.77
CA LEU A 87 21.35 -14.63 -24.20
C LEU A 87 22.77 -15.05 -24.54
N LYS A 88 23.65 -14.88 -23.58
CA LYS A 88 25.04 -15.25 -23.77
C LYS A 88 25.12 -16.76 -23.99
N LYS A 89 24.45 -17.52 -23.12
CA LYS A 89 24.43 -18.96 -23.24
C LYS A 89 23.76 -19.34 -24.56
N PHE A 90 22.65 -18.70 -24.88
CA PHE A 90 21.93 -18.99 -26.10
C PHE A 90 22.78 -18.73 -27.35
N MET A 91 23.43 -17.57 -27.41
CA MET A 91 24.25 -17.25 -28.58
C MET A 91 25.32 -18.33 -28.75
N ASP A 92 25.78 -18.90 -27.65
CA ASP A 92 26.80 -19.93 -27.69
C ASP A 92 26.28 -21.21 -28.30
N ALA A 93 25.14 -21.67 -27.82
CA ALA A 93 24.55 -22.89 -28.34
C ALA A 93 24.32 -22.70 -29.83
N SER A 94 23.87 -21.50 -30.18
CA SER A 94 23.59 -21.15 -31.56
C SER A 94 24.81 -20.93 -32.47
N ALA A 95 26.01 -21.05 -31.90
CA ALA A 95 27.25 -20.84 -32.64
C ALA A 95 27.30 -21.50 -34.04
N LEU A 96 27.08 -22.80 -34.07
CA LEU A 96 27.12 -23.56 -35.31
C LEU A 96 25.99 -23.23 -36.28
N THR A 97 24.77 -23.39 -35.81
CA THR A 97 23.59 -23.12 -36.63
C THR A 97 23.20 -21.64 -36.71
N GLY A 98 23.41 -20.92 -35.62
CA GLY A 98 23.05 -19.51 -35.61
C GLY A 98 21.59 -19.24 -35.31
N ILE A 99 21.29 -18.03 -34.88
CA ILE A 99 19.93 -17.63 -34.56
C ILE A 99 19.24 -17.15 -35.83
N PRO A 100 18.03 -17.67 -36.10
CA PRO A 100 17.25 -17.29 -37.28
C PRO A 100 16.96 -15.81 -37.22
N LEU A 101 16.92 -15.16 -38.39
CA LEU A 101 16.66 -13.73 -38.42
C LEU A 101 15.31 -13.33 -37.83
N PRO A 102 14.27 -14.18 -37.98
CA PRO A 102 12.97 -13.80 -37.42
C PRO A 102 13.01 -13.73 -35.89
N LEU A 103 13.87 -14.54 -35.28
CA LEU A 103 13.99 -14.55 -33.83
C LEU A 103 14.85 -13.38 -33.41
N ILE A 104 15.88 -13.09 -34.20
CA ILE A 104 16.76 -11.97 -33.90
C ILE A 104 15.92 -10.70 -33.90
N LYS A 105 15.04 -10.61 -34.89
CA LYS A 105 14.13 -9.48 -35.03
C LYS A 105 13.20 -9.44 -33.84
N SER A 106 12.58 -10.56 -33.52
CA SER A 106 11.67 -10.63 -32.39
C SER A 106 12.34 -10.16 -31.11
N TYR A 107 13.55 -10.66 -30.86
CA TYR A 107 14.30 -10.30 -29.68
C TYR A 107 14.65 -8.82 -29.63
N LEU A 108 15.13 -8.29 -30.76
CA LEU A 108 15.49 -6.88 -30.81
C LEU A 108 14.24 -6.08 -30.49
N PHE A 109 13.16 -6.45 -31.16
CA PHE A 109 11.89 -5.78 -30.96
C PHE A 109 11.49 -5.67 -29.50
N GLN A 110 11.42 -6.80 -28.82
CA GLN A 110 11.03 -6.82 -27.42
C GLN A 110 12.01 -6.04 -26.56
N LEU A 111 13.31 -6.16 -26.86
CA LEU A 111 14.30 -5.44 -26.08
C LEU A 111 14.03 -3.94 -26.21
N LEU A 112 13.82 -3.48 -27.44
CA LEU A 112 13.54 -2.08 -27.65
C LEU A 112 12.29 -1.65 -26.91
N GLN A 113 11.33 -2.55 -26.76
CA GLN A 113 10.11 -2.19 -26.04
C GLN A 113 10.35 -2.09 -24.53
N GLY A 114 11.12 -3.03 -23.99
CA GLY A 114 11.42 -2.98 -22.58
C GLY A 114 12.27 -1.76 -22.28
N LEU A 115 13.25 -1.51 -23.14
CA LEU A 115 14.13 -0.37 -22.95
C LEU A 115 13.37 0.94 -23.10
N ALA A 116 12.45 0.98 -24.06
CA ALA A 116 11.65 2.17 -24.33
C ALA A 116 10.80 2.46 -23.11
N PHE A 117 10.45 1.41 -22.37
CA PHE A 117 9.65 1.57 -21.18
C PHE A 117 10.54 2.17 -20.08
N CYS A 118 11.77 1.70 -19.98
CA CYS A 118 12.69 2.22 -18.98
C CYS A 118 12.89 3.72 -19.15
N HIS A 119 13.26 4.09 -20.37
CA HIS A 119 13.53 5.47 -20.71
C HIS A 119 12.35 6.42 -20.52
N SER A 120 11.14 6.01 -20.88
CA SER A 120 9.99 6.88 -20.72
C SER A 120 9.56 6.95 -19.25
N HIS A 121 10.31 6.25 -18.39
CA HIS A 121 10.07 6.24 -16.97
C HIS A 121 11.35 6.70 -16.28
N ARG A 122 12.11 7.49 -17.03
CA ARG A 122 13.37 8.08 -16.60
C ARG A 122 14.34 7.15 -15.91
N VAL A 123 14.47 5.94 -16.45
CA VAL A 123 15.43 4.97 -15.93
C VAL A 123 16.40 4.55 -17.02
N LEU A 124 17.69 4.69 -16.73
CA LEU A 124 18.74 4.26 -17.64
C LEU A 124 19.23 2.93 -17.11
N HIS A 125 19.36 1.94 -17.99
CA HIS A 125 19.85 0.62 -17.57
C HIS A 125 21.36 0.70 -17.39
N ARG A 126 22.04 1.16 -18.43
CA ARG A 126 23.49 1.35 -18.41
C ARG A 126 24.39 0.13 -18.49
N ASP A 127 23.83 -1.08 -18.43
CA ASP A 127 24.70 -2.25 -18.50
C ASP A 127 24.12 -3.35 -19.38
N LEU A 128 23.53 -2.95 -20.49
CA LEU A 128 22.96 -3.93 -21.41
C LEU A 128 24.05 -4.76 -22.05
N LYS A 129 23.93 -6.08 -21.88
CA LYS A 129 24.90 -7.01 -22.43
C LYS A 129 24.21 -8.38 -22.43
N PRO A 130 24.64 -9.28 -23.34
CA PRO A 130 24.05 -10.62 -23.44
C PRO A 130 23.73 -11.36 -22.15
N GLN A 131 24.63 -11.32 -21.17
CA GLN A 131 24.35 -12.04 -19.94
C GLN A 131 23.37 -11.35 -19.01
N ASN A 132 22.97 -10.12 -19.36
CA ASN A 132 21.99 -9.39 -18.56
C ASN A 132 20.61 -9.45 -19.24
N LEU A 133 20.50 -10.21 -20.33
CA LEU A 133 19.23 -10.35 -21.03
C LEU A 133 18.78 -11.80 -20.89
N LEU A 134 17.57 -12.00 -20.37
CA LEU A 134 17.05 -13.35 -20.15
C LEU A 134 15.97 -13.79 -21.13
N ILE A 135 15.95 -15.07 -21.44
CA ILE A 135 14.96 -15.62 -22.36
C ILE A 135 14.29 -16.89 -21.85
N ASN A 136 13.12 -17.18 -22.37
CA ASN A 136 12.38 -18.39 -21.99
C ASN A 136 12.09 -19.22 -23.24
N THR A 137 11.42 -20.35 -23.08
CA THR A 137 11.12 -21.19 -24.23
C THR A 137 9.94 -20.75 -25.08
N GLU A 138 9.26 -19.68 -24.69
CA GLU A 138 8.13 -19.21 -25.48
C GLU A 138 8.45 -18.02 -26.38
N GLY A 139 9.73 -17.66 -26.45
CA GLY A 139 10.13 -16.58 -27.32
C GLY A 139 10.24 -15.19 -26.70
N ALA A 140 10.28 -15.14 -25.37
CA ALA A 140 10.39 -13.86 -24.69
C ALA A 140 11.81 -13.57 -24.23
N ILE A 141 12.17 -12.29 -24.26
CA ILE A 141 13.47 -11.86 -23.82
C ILE A 141 13.22 -10.67 -22.89
N LYS A 142 13.98 -10.60 -21.79
CA LYS A 142 13.77 -9.53 -20.81
C LYS A 142 15.04 -8.88 -20.28
N LEU A 143 14.95 -7.58 -20.04
CA LEU A 143 16.07 -6.82 -19.50
C LEU A 143 16.16 -7.24 -18.03
N ALA A 144 17.37 -7.50 -17.55
CA ALA A 144 17.53 -7.89 -16.17
C ALA A 144 18.72 -7.17 -15.57
N ASP A 145 18.88 -7.33 -14.27
CA ASP A 145 19.98 -6.72 -13.53
C ASP A 145 20.07 -5.21 -13.64
N PHE A 146 19.25 -4.54 -12.83
CA PHE A 146 19.21 -3.10 -12.80
C PHE A 146 20.10 -2.55 -11.68
N GLY A 147 21.23 -3.21 -11.46
CA GLY A 147 22.16 -2.80 -10.42
C GLY A 147 22.87 -1.49 -10.74
N LEU A 148 23.28 -1.31 -11.98
CA LEU A 148 23.96 -0.08 -12.36
C LEU A 148 22.95 0.90 -12.92
N ALA A 149 21.67 0.57 -12.81
CA ALA A 149 20.62 1.43 -13.34
C ALA A 149 20.60 2.77 -12.61
N ARG A 150 20.16 3.82 -13.31
CA ARG A 150 20.08 5.16 -12.73
C ARG A 150 18.83 5.86 -13.18
N ALA A 151 18.19 6.58 -12.27
CA ALA A 151 17.00 7.37 -12.62
C ALA A 151 17.58 8.69 -13.11
N PHE A 152 17.06 9.23 -14.20
CA PHE A 152 17.60 10.50 -14.66
C PHE A 152 16.59 11.64 -14.65
N GLY A 153 16.00 11.89 -13.47
CA GLY A 153 15.07 12.99 -13.33
C GLY A 153 15.87 14.24 -13.66
N VAL A 154 17.17 14.12 -13.37
CA VAL A 154 18.15 15.15 -13.66
C VAL A 154 19.29 14.36 -14.31
N PRO A 155 20.03 14.98 -15.23
CA PRO A 155 21.12 14.24 -15.87
C PRO A 155 22.08 13.51 -14.93
N VAL A 156 22.36 12.26 -15.28
CA VAL A 156 23.24 11.40 -14.50
C VAL A 156 24.71 11.63 -14.84
N ARG A 157 25.49 12.08 -13.86
CA ARG A 157 26.91 12.34 -14.05
C ARG A 157 27.66 11.04 -14.29
N THR A 158 28.55 11.05 -15.28
CA THR A 158 29.30 9.85 -15.63
C THR A 158 30.42 9.54 -14.64
N TYR A 159 30.51 8.27 -14.29
CA TYR A 159 31.53 7.78 -13.36
C TYR A 159 32.90 8.11 -13.93
N THR A 160 33.84 8.48 -13.07
CA THR A 160 35.19 8.78 -13.52
C THR A 160 35.86 7.43 -13.78
N HIS A 161 35.64 6.49 -12.87
CA HIS A 161 36.18 5.15 -13.00
C HIS A 161 35.12 4.28 -13.65
N GLU A 162 35.32 3.98 -14.94
CA GLU A 162 34.41 3.17 -15.73
C GLU A 162 33.89 1.91 -15.02
N VAL A 163 32.56 1.75 -15.00
CA VAL A 163 31.93 0.60 -14.35
C VAL A 163 31.28 -0.36 -15.36
N VAL A 164 30.52 0.21 -16.30
CA VAL A 164 29.84 -0.56 -17.34
C VAL A 164 30.78 -1.53 -18.07
N THR A 165 30.21 -2.47 -18.83
CA THR A 165 31.01 -3.43 -19.61
C THR A 165 31.79 -2.63 -20.64
N LEU A 166 32.88 -3.20 -21.15
CA LEU A 166 33.69 -2.48 -22.13
C LEU A 166 33.19 -2.63 -23.58
N TRP A 167 33.02 -3.88 -24.02
CA TRP A 167 32.55 -4.19 -25.36
C TRP A 167 31.26 -3.53 -25.81
N TYR A 168 30.38 -3.18 -24.88
CA TYR A 168 29.12 -2.56 -25.27
C TYR A 168 29.01 -1.11 -24.81
N ARG A 169 30.15 -0.54 -24.42
CA ARG A 169 30.22 0.84 -23.96
C ARG A 169 30.16 1.81 -25.14
N ALA A 170 29.32 2.83 -25.04
CA ALA A 170 29.16 3.83 -26.10
C ALA A 170 30.42 4.70 -26.27
N PRO A 171 30.64 5.24 -27.49
CA PRO A 171 31.84 6.07 -27.67
C PRO A 171 31.89 7.33 -26.80
N GLU A 172 30.73 7.95 -26.52
CA GLU A 172 30.70 9.14 -25.66
C GLU A 172 31.42 8.87 -24.34
N ILE A 173 31.01 7.80 -23.68
CA ILE A 173 31.58 7.42 -22.40
C ILE A 173 33.08 7.21 -22.50
N LEU A 174 33.54 6.74 -23.65
CA LEU A 174 34.96 6.50 -23.86
C LEU A 174 35.70 7.82 -24.07
N LEU A 175 35.05 8.74 -24.78
CA LEU A 175 35.63 10.04 -25.04
C LEU A 175 35.58 11.01 -23.84
N GLY A 176 35.05 10.52 -22.72
CA GLY A 176 34.97 11.33 -21.50
C GLY A 176 33.83 12.34 -21.33
N CYS A 177 32.67 12.09 -21.95
CA CYS A 177 31.54 13.01 -21.83
C CYS A 177 31.10 13.15 -20.38
N LYS A 178 30.42 14.26 -20.08
CA LYS A 178 29.98 14.57 -18.73
C LYS A 178 28.82 13.76 -18.17
N TYR A 179 27.75 13.65 -18.95
CA TYR A 179 26.55 12.91 -18.53
C TYR A 179 26.28 11.68 -19.39
N TYR A 180 25.41 10.80 -18.90
CA TYR A 180 24.98 9.63 -19.65
C TYR A 180 23.71 10.14 -20.31
N SER A 181 23.08 9.30 -21.14
CA SER A 181 21.83 9.67 -21.80
C SER A 181 21.22 8.36 -22.24
N THR A 182 19.94 8.37 -22.61
CA THR A 182 19.34 7.13 -23.05
C THR A 182 20.16 6.53 -24.19
N ALA A 183 20.91 7.38 -24.88
CA ALA A 183 21.74 6.96 -26.00
C ALA A 183 22.70 5.80 -25.67
N VAL A 184 23.35 5.84 -24.50
CA VAL A 184 24.27 4.78 -24.16
C VAL A 184 23.61 3.40 -24.19
N ASP A 185 22.33 3.34 -23.82
CA ASP A 185 21.63 2.07 -23.82
C ASP A 185 21.34 1.54 -25.23
N ILE A 186 20.98 2.43 -26.15
CA ILE A 186 20.68 2.02 -27.51
C ILE A 186 21.95 1.52 -28.19
N TRP A 187 23.07 2.15 -27.89
CA TRP A 187 24.33 1.73 -28.46
C TRP A 187 24.59 0.27 -28.09
N SER A 188 24.34 -0.07 -26.83
CA SER A 188 24.54 -1.43 -26.37
C SER A 188 23.68 -2.43 -27.12
N LEU A 189 22.40 -2.12 -27.30
CA LEU A 189 21.52 -3.00 -28.02
C LEU A 189 22.00 -3.08 -29.45
N GLY A 190 22.50 -1.95 -29.95
CA GLY A 190 23.01 -1.93 -31.31
C GLY A 190 24.11 -2.96 -31.46
N CYS A 191 25.02 -2.99 -30.50
CA CYS A 191 26.12 -3.94 -30.51
C CYS A 191 25.59 -5.38 -30.35
N ILE A 192 24.63 -5.57 -29.47
CA ILE A 192 24.06 -6.89 -29.25
C ILE A 192 23.38 -7.38 -30.53
N PHE A 193 22.69 -6.46 -31.20
CA PHE A 193 21.98 -6.76 -32.44
C PHE A 193 22.92 -7.31 -33.51
N ALA A 194 24.06 -6.66 -33.72
CA ALA A 194 25.01 -7.11 -34.73
C ALA A 194 25.56 -8.50 -34.36
N GLU A 195 25.96 -8.64 -33.10
CA GLU A 195 26.51 -9.87 -32.57
C GLU A 195 25.58 -11.03 -32.88
N MET A 196 24.27 -10.84 -32.70
CA MET A 196 23.34 -11.92 -32.99
C MET A 196 23.41 -12.26 -34.48
N VAL A 197 23.49 -11.23 -35.31
CA VAL A 197 23.56 -11.38 -36.76
C VAL A 197 24.86 -12.03 -37.28
N THR A 198 26.01 -11.59 -36.76
CA THR A 198 27.30 -12.10 -37.21
C THR A 198 27.86 -13.25 -36.40
N ARG A 199 27.27 -13.51 -35.25
CA ARG A 199 27.74 -14.56 -34.35
C ARG A 199 29.05 -14.14 -33.70
N ARG A 200 29.46 -12.89 -33.94
CA ARG A 200 30.69 -12.38 -33.36
C ARG A 200 30.51 -11.02 -32.66
N ALA A 201 31.29 -10.80 -31.61
CA ALA A 201 31.25 -9.55 -30.87
C ALA A 201 31.73 -8.42 -31.79
N LEU A 202 30.88 -7.41 -31.98
CA LEU A 202 31.18 -6.27 -32.85
C LEU A 202 32.44 -5.44 -32.50
N PHE A 203 32.60 -5.06 -31.24
CA PHE A 203 33.77 -4.27 -30.82
C PHE A 203 34.38 -4.86 -29.56
N PRO A 204 35.06 -6.00 -29.69
CA PRO A 204 35.69 -6.67 -28.54
C PRO A 204 37.03 -6.08 -28.14
N GLY A 205 37.01 -4.91 -27.51
CA GLY A 205 38.24 -4.26 -27.10
C GLY A 205 38.96 -4.86 -25.90
N ASP A 206 40.28 -4.69 -25.88
CA ASP A 206 41.13 -5.18 -24.77
C ASP A 206 41.21 -4.11 -23.68
N SER A 207 41.22 -2.86 -24.12
CA SER A 207 41.31 -1.71 -23.23
C SER A 207 40.34 -0.61 -23.68
N GLU A 208 40.29 0.49 -22.92
CA GLU A 208 39.41 1.59 -23.29
C GLU A 208 39.82 2.15 -24.65
N ILE A 209 41.12 2.27 -24.86
CA ILE A 209 41.63 2.81 -26.11
C ILE A 209 41.48 1.83 -27.27
N ASP A 210 41.67 0.53 -26.99
CA ASP A 210 41.50 -0.48 -28.04
C ASP A 210 40.02 -0.50 -28.44
N GLN A 211 39.15 -0.32 -27.45
CA GLN A 211 37.71 -0.28 -27.66
C GLN A 211 37.35 0.89 -28.57
N LEU A 212 37.91 2.05 -28.26
CA LEU A 212 37.62 3.25 -29.04
C LEU A 212 38.12 3.11 -30.48
N PHE A 213 39.30 2.52 -30.64
CA PHE A 213 39.90 2.30 -31.95
C PHE A 213 39.19 1.25 -32.82
N ARG A 214 38.58 0.24 -32.20
CA ARG A 214 37.86 -0.75 -32.98
C ARG A 214 36.59 -0.11 -33.52
N ILE A 215 35.98 0.76 -32.73
CA ILE A 215 34.76 1.43 -33.15
C ILE A 215 35.08 2.34 -34.33
N PHE A 216 36.19 3.07 -34.24
CA PHE A 216 36.56 3.96 -35.32
C PHE A 216 36.91 3.16 -36.56
N ARG A 217 37.77 2.17 -36.39
CA ARG A 217 38.19 1.34 -37.50
C ARG A 217 37.01 0.83 -38.31
N THR A 218 35.89 0.58 -37.64
CA THR A 218 34.68 0.09 -38.33
C THR A 218 33.75 1.19 -38.81
N LEU A 219 33.44 2.13 -37.93
CA LEU A 219 32.53 3.21 -38.28
C LEU A 219 33.23 4.48 -38.75
N GLY A 220 34.55 4.41 -38.89
CA GLY A 220 35.32 5.58 -39.31
C GLY A 220 35.56 6.48 -38.13
N THR A 221 36.66 7.22 -38.14
CA THR A 221 36.96 8.12 -37.03
C THR A 221 36.05 9.36 -37.10
N PRO A 222 35.37 9.67 -35.98
CA PRO A 222 34.47 10.82 -35.97
C PRO A 222 35.19 12.17 -36.03
N ASP A 223 34.50 13.14 -36.61
CA ASP A 223 35.02 14.49 -36.75
C ASP A 223 33.93 15.48 -36.35
N GLU A 224 34.27 16.76 -36.41
CA GLU A 224 33.35 17.85 -36.06
C GLU A 224 32.11 17.90 -36.92
N VAL A 225 32.23 17.42 -38.16
CA VAL A 225 31.10 17.42 -39.08
C VAL A 225 30.10 16.34 -38.69
N VAL A 226 30.61 15.11 -38.56
CA VAL A 226 29.78 13.97 -38.19
C VAL A 226 29.21 14.11 -36.79
N TRP A 227 30.04 14.60 -35.87
CA TRP A 227 29.64 14.72 -34.49
C TRP A 227 30.25 16.02 -33.89
N PRO A 228 29.52 17.13 -34.02
CA PRO A 228 29.98 18.43 -33.50
C PRO A 228 30.37 18.32 -32.05
N GLY A 229 31.62 18.63 -31.74
CA GLY A 229 32.07 18.58 -30.36
C GLY A 229 33.07 17.50 -30.10
N VAL A 230 33.12 16.48 -30.97
CA VAL A 230 34.05 15.38 -30.80
C VAL A 230 35.42 15.83 -30.34
N THR A 231 36.10 16.52 -31.25
CA THR A 231 37.45 17.03 -31.01
C THR A 231 37.66 17.76 -29.68
N SER A 232 36.59 18.33 -29.15
CA SER A 232 36.65 19.08 -27.90
C SER A 232 36.51 18.21 -26.64
N MET A 233 35.89 17.04 -26.79
CA MET A 233 35.68 16.14 -25.66
C MET A 233 36.97 15.82 -24.91
N PRO A 234 36.86 15.66 -23.58
CA PRO A 234 37.99 15.37 -22.70
C PRO A 234 39.02 14.38 -23.23
N ASP A 235 38.64 13.11 -23.30
CA ASP A 235 39.55 12.09 -23.75
C ASP A 235 39.76 11.90 -25.25
N TYR A 236 39.34 12.89 -26.05
CA TYR A 236 39.56 12.84 -27.48
C TYR A 236 40.99 13.33 -27.68
N LYS A 237 41.58 13.01 -28.83
CA LYS A 237 42.93 13.44 -29.13
C LYS A 237 43.10 13.69 -30.63
N PRO A 238 43.95 14.66 -31.00
CA PRO A 238 44.15 14.93 -32.42
C PRO A 238 45.01 13.82 -33.02
N SER A 239 45.85 13.22 -32.17
CA SER A 239 46.73 12.14 -32.60
C SER A 239 45.97 10.83 -32.88
N PHE A 240 44.64 10.87 -32.76
CA PHE A 240 43.84 9.69 -33.04
C PHE A 240 43.91 9.41 -34.53
N PRO A 241 44.11 8.16 -34.91
CA PRO A 241 44.20 7.83 -36.33
C PRO A 241 42.89 8.15 -37.06
N LYS A 242 43.00 8.55 -38.32
CA LYS A 242 41.83 8.87 -39.11
C LYS A 242 41.46 7.68 -40.00
N TRP A 243 40.52 6.87 -39.53
CA TRP A 243 40.07 5.69 -40.27
C TRP A 243 38.83 6.04 -41.07
N ALA A 244 38.55 5.24 -42.08
CA ALA A 244 37.39 5.48 -42.93
C ALA A 244 36.26 4.52 -42.58
N ARG A 245 35.03 5.01 -42.75
CA ARG A 245 33.86 4.21 -42.45
C ARG A 245 33.76 3.05 -43.43
N GLN A 246 33.45 1.87 -42.91
CA GLN A 246 33.32 0.69 -43.73
C GLN A 246 31.88 0.41 -44.12
N ASP A 247 31.70 -0.23 -45.26
CA ASP A 247 30.40 -0.55 -45.78
C ASP A 247 29.71 -1.55 -44.86
N PHE A 248 28.56 -1.16 -44.31
CA PHE A 248 27.82 -2.03 -43.41
C PHE A 248 27.47 -3.41 -43.96
N SER A 249 27.60 -3.57 -45.28
CA SER A 249 27.30 -4.85 -45.90
C SER A 249 28.49 -5.78 -45.77
N LYS A 250 29.54 -5.31 -45.11
CA LYS A 250 30.73 -6.11 -44.87
C LYS A 250 30.88 -6.31 -43.36
N VAL A 251 30.12 -5.53 -42.60
CA VAL A 251 30.15 -5.65 -41.15
C VAL A 251 29.09 -6.68 -40.79
N VAL A 252 27.87 -6.45 -41.28
CA VAL A 252 26.75 -7.35 -41.03
C VAL A 252 26.07 -7.78 -42.34
N PRO A 253 26.71 -8.68 -43.10
CA PRO A 253 26.23 -9.21 -44.38
C PRO A 253 24.85 -9.88 -44.40
N PRO A 254 24.53 -10.71 -43.39
CA PRO A 254 23.23 -11.38 -43.33
C PRO A 254 22.01 -10.48 -43.19
N LEU A 255 22.24 -9.18 -43.03
CA LEU A 255 21.13 -8.24 -42.85
C LEU A 255 20.68 -7.55 -44.12
N ASP A 256 19.38 -7.32 -44.22
CA ASP A 256 18.83 -6.62 -45.38
C ASP A 256 19.02 -5.12 -45.21
N GLU A 257 18.39 -4.32 -46.06
CA GLU A 257 18.54 -2.87 -45.95
C GLU A 257 17.99 -2.31 -44.65
N ASP A 258 16.72 -2.60 -44.37
CA ASP A 258 16.12 -2.13 -43.13
C ASP A 258 17.00 -2.52 -41.96
N GLY A 259 17.60 -3.71 -42.05
CA GLY A 259 18.48 -4.17 -41.00
C GLY A 259 19.72 -3.30 -40.85
N ARG A 260 20.41 -3.06 -41.96
CA ARG A 260 21.62 -2.25 -41.94
C ARG A 260 21.25 -0.82 -41.58
N SER A 261 20.04 -0.43 -41.93
CA SER A 261 19.54 0.91 -41.65
C SER A 261 19.43 1.14 -40.14
N LEU A 262 18.59 0.33 -39.50
CA LEU A 262 18.37 0.43 -38.08
C LEU A 262 19.71 0.36 -37.34
N LEU A 263 20.50 -0.69 -37.62
CA LEU A 263 21.77 -0.85 -36.95
C LEU A 263 22.66 0.37 -37.06
N SER A 264 22.68 1.03 -38.20
CA SER A 264 23.54 2.21 -38.35
C SER A 264 23.01 3.36 -37.49
N GLN A 265 21.69 3.48 -37.40
CA GLN A 265 21.08 4.54 -36.60
C GLN A 265 21.26 4.26 -35.11
N MET A 266 21.42 2.99 -34.74
CA MET A 266 21.62 2.64 -33.34
C MET A 266 23.07 2.85 -32.97
N LEU A 267 23.94 2.85 -33.99
CA LEU A 267 25.36 3.04 -33.75
C LEU A 267 25.82 4.39 -34.28
N HIS A 268 24.90 5.34 -34.29
CA HIS A 268 25.13 6.71 -34.74
C HIS A 268 26.03 7.41 -33.71
N TYR A 269 27.11 8.04 -34.17
CA TYR A 269 28.05 8.70 -33.27
C TYR A 269 27.55 9.73 -32.27
N ASP A 270 27.03 10.84 -32.77
CA ASP A 270 26.53 11.89 -31.90
C ASP A 270 25.29 11.40 -31.15
N PRO A 271 25.39 11.26 -29.81
CA PRO A 271 24.29 10.79 -28.96
C PRO A 271 23.05 11.66 -28.88
N ASN A 272 22.89 12.59 -29.80
CA ASN A 272 21.69 13.43 -29.81
C ASN A 272 20.92 13.07 -31.06
N LYS A 273 21.61 12.39 -31.97
CA LYS A 273 21.02 11.98 -33.22
C LYS A 273 20.90 10.47 -33.33
N ARG A 274 21.38 9.76 -32.31
CA ARG A 274 21.30 8.32 -32.29
C ARG A 274 19.83 7.98 -32.03
N ILE A 275 19.29 7.05 -32.82
CA ILE A 275 17.89 6.66 -32.69
C ILE A 275 17.48 6.25 -31.28
N SER A 276 16.24 6.52 -30.94
CA SER A 276 15.71 6.19 -29.62
C SER A 276 14.97 4.87 -29.71
N ALA A 277 14.76 4.24 -28.55
CA ALA A 277 14.05 2.97 -28.53
C ALA A 277 12.68 3.18 -29.14
N LYS A 278 12.03 4.25 -28.68
CA LYS A 278 10.70 4.62 -29.13
C LYS A 278 10.63 4.74 -30.65
N ALA A 279 11.64 5.40 -31.23
CA ALA A 279 11.65 5.60 -32.68
C ALA A 279 12.00 4.34 -33.46
N ALA A 280 12.93 3.55 -32.94
CA ALA A 280 13.34 2.32 -33.59
C ALA A 280 12.18 1.36 -33.78
N LEU A 281 11.31 1.30 -32.78
CA LEU A 281 10.14 0.42 -32.81
C LEU A 281 9.24 0.68 -34.00
N ALA A 282 9.40 1.84 -34.61
CA ALA A 282 8.59 2.22 -35.76
C ALA A 282 9.36 2.11 -37.06
N HIS A 283 10.55 1.52 -36.99
CA HIS A 283 11.37 1.34 -38.17
C HIS A 283 10.78 0.23 -39.02
N PRO A 284 10.82 0.39 -40.35
CA PRO A 284 10.27 -0.63 -41.26
C PRO A 284 10.85 -2.02 -41.06
N PHE A 285 12.02 -2.08 -40.45
CA PHE A 285 12.66 -3.36 -40.18
C PHE A 285 11.71 -4.27 -39.38
N PHE A 286 10.78 -3.67 -38.64
CA PHE A 286 9.86 -4.43 -37.82
C PHE A 286 8.47 -4.64 -38.38
N GLN A 287 8.20 -4.11 -39.57
CA GLN A 287 6.87 -4.27 -40.16
C GLN A 287 6.35 -5.70 -40.23
N ASP A 288 7.26 -6.68 -40.22
CA ASP A 288 6.83 -8.08 -40.30
C ASP A 288 7.29 -8.90 -39.11
N VAL A 289 7.60 -8.23 -38.00
CA VAL A 289 8.05 -8.92 -36.80
C VAL A 289 6.99 -9.90 -36.30
N THR A 290 7.46 -11.02 -35.74
CA THR A 290 6.61 -12.06 -35.19
C THR A 290 7.24 -12.49 -33.86
N LYS A 291 6.70 -13.54 -33.24
CA LYS A 291 7.23 -14.02 -31.97
C LYS A 291 7.63 -15.51 -32.03
N PRO A 292 8.74 -15.81 -32.71
CA PRO A 292 9.24 -17.18 -32.86
C PRO A 292 9.68 -17.74 -31.53
N VAL A 293 9.67 -19.07 -31.38
CA VAL A 293 10.15 -19.66 -30.14
C VAL A 293 11.56 -20.16 -30.41
N PRO A 294 12.43 -20.12 -29.41
CA PRO A 294 13.78 -20.61 -29.68
C PRO A 294 13.87 -22.08 -29.27
N HIS A 295 14.96 -22.72 -29.65
CA HIS A 295 15.17 -24.09 -29.25
C HIS A 295 16.26 -24.04 -28.19
N LEU A 296 15.88 -24.21 -26.94
CA LEU A 296 16.86 -24.13 -25.86
C LEU A 296 17.26 -25.47 -25.27
N ARG A 297 18.55 -25.67 -25.06
CA ARG A 297 19.06 -26.91 -24.46
C ARG A 297 19.02 -26.68 -22.97
N LEU A 298 18.56 -27.67 -22.21
CA LEU A 298 18.48 -27.53 -20.75
C LEU A 298 19.51 -26.55 -20.18
N ASN B 1 17.15 10.56 -22.63
CA ASN B 1 17.70 11.81 -22.05
C ASN B 1 18.39 12.53 -23.18
N GLU B 2 18.62 13.83 -22.98
CA GLU B 2 19.27 14.70 -23.95
C GLU B 2 18.76 14.43 -25.39
N VAL B 3 17.52 13.96 -25.46
CA VAL B 3 16.82 13.67 -26.72
C VAL B 3 15.32 13.87 -26.44
N PRO B 4 14.70 14.81 -27.17
CA PRO B 4 13.27 15.19 -27.06
C PRO B 4 12.22 14.06 -26.98
N ASP B 5 12.60 12.85 -27.38
CA ASP B 5 11.68 11.72 -27.41
C ASP B 5 10.83 11.40 -26.17
N TYR B 6 11.48 11.15 -25.04
CA TYR B 6 10.75 10.79 -23.83
C TYR B 6 10.47 11.95 -22.88
N HIS B 7 11.02 13.12 -23.19
CA HIS B 7 10.83 14.29 -22.34
C HIS B 7 9.38 14.49 -21.95
N GLU B 8 8.47 14.32 -22.90
CA GLU B 8 7.07 14.52 -22.58
C GLU B 8 6.55 13.40 -21.68
N ASP B 9 6.90 12.16 -22.02
CA ASP B 9 6.46 11.01 -21.24
C ASP B 9 6.94 11.16 -19.81
N ILE B 10 8.25 11.40 -19.69
CA ILE B 10 8.89 11.57 -18.38
C ILE B 10 8.19 12.63 -17.53
N HIS B 11 7.84 13.75 -18.14
CA HIS B 11 7.15 14.81 -17.40
C HIS B 11 5.83 14.28 -16.89
N THR B 12 5.02 13.74 -17.79
CA THR B 12 3.75 13.19 -17.41
C THR B 12 3.90 12.19 -16.26
N TYR B 13 4.98 11.42 -16.30
CA TYR B 13 5.23 10.43 -15.28
C TYR B 13 5.63 11.05 -13.93
N LEU B 14 6.61 11.95 -13.93
CA LEU B 14 7.01 12.61 -12.69
C LEU B 14 5.79 13.28 -12.05
N ARG B 15 4.89 13.77 -12.89
CA ARG B 15 3.68 14.40 -12.39
C ARG B 15 2.85 13.38 -11.59
N GLU B 16 2.71 12.16 -12.13
CA GLU B 16 1.96 11.10 -11.44
C GLU B 16 2.70 10.67 -10.18
N MET B 17 4.02 10.55 -10.28
CA MET B 17 4.82 10.12 -9.17
C MET B 17 4.93 11.08 -8.01
N GLU B 18 4.83 12.38 -8.29
CA GLU B 18 4.93 13.37 -7.23
C GLU B 18 3.69 13.28 -6.35
N VAL B 19 2.57 12.88 -6.95
CA VAL B 19 1.34 12.74 -6.19
C VAL B 19 1.44 11.54 -5.26
N LYS B 20 2.07 10.48 -5.74
CA LYS B 20 2.25 9.27 -4.96
C LYS B 20 3.35 9.40 -3.91
N CYS B 21 4.53 9.85 -4.32
CA CYS B 21 5.67 9.96 -3.40
C CYS B 21 5.62 11.26 -2.54
N LYS B 22 4.44 11.91 -2.47
CA LYS B 22 4.24 13.14 -1.66
C LYS B 22 3.89 12.83 -0.19
N PRO B 23 4.31 13.71 0.75
CA PRO B 23 4.03 13.51 2.18
C PRO B 23 2.66 13.95 2.68
N LYS B 24 2.48 13.96 4.00
CA LYS B 24 1.22 14.35 4.64
C LYS B 24 1.25 15.86 4.92
N VAL B 25 0.40 16.59 4.22
CA VAL B 25 0.36 18.05 4.36
C VAL B 25 0.42 18.52 5.81
N GLY B 26 -0.39 17.92 6.68
CA GLY B 26 -0.41 18.33 8.08
C GLY B 26 0.12 17.33 9.09
N TYR B 27 1.24 16.69 8.78
CA TYR B 27 1.83 15.71 9.66
C TYR B 27 2.51 16.35 10.87
N MET B 28 3.02 17.56 10.68
CA MET B 28 3.72 18.23 11.77
C MET B 28 2.80 18.50 12.95
N LYS B 29 1.53 18.79 12.66
CA LYS B 29 0.56 19.05 13.71
C LYS B 29 0.40 17.80 14.58
N LYS B 30 0.19 16.65 13.94
CA LYS B 30 0.01 15.40 14.67
C LYS B 30 1.31 14.85 15.25
N GLN B 31 2.41 15.58 15.06
CA GLN B 31 3.69 15.13 15.60
C GLN B 31 3.89 15.78 16.97
N PRO B 32 3.62 15.02 18.04
CA PRO B 32 3.74 15.46 19.44
C PRO B 32 4.99 16.19 19.88
N ASP B 33 6.17 15.70 19.51
CA ASP B 33 7.39 16.33 19.99
C ASP B 33 8.23 17.20 19.05
N ILE B 34 7.82 17.38 17.79
CA ILE B 34 8.65 18.22 16.92
C ILE B 34 7.82 19.29 16.22
N THR B 35 8.49 20.39 15.84
CA THR B 35 7.84 21.52 15.18
C THR B 35 8.53 21.98 13.92
N ASN B 36 7.78 22.69 13.07
CA ASN B 36 8.30 23.24 11.83
C ASN B 36 9.70 23.79 12.03
N SER B 37 9.82 24.64 13.04
CA SER B 37 11.09 25.26 13.38
C SER B 37 12.23 24.26 13.56
N MET B 38 11.97 23.16 14.26
CA MET B 38 13.02 22.16 14.46
C MET B 38 13.40 21.57 13.12
N ARG B 39 12.41 21.45 12.24
CA ARG B 39 12.62 20.91 10.91
C ARG B 39 13.48 21.87 10.11
N ALA B 40 13.06 23.14 10.09
CA ALA B 40 13.77 24.21 9.38
C ALA B 40 15.24 24.24 9.79
N ILE B 41 15.48 24.02 11.08
CA ILE B 41 16.84 23.97 11.58
C ILE B 41 17.52 22.72 10.99
N LEU B 42 16.79 21.61 10.93
CA LEU B 42 17.34 20.35 10.41
C LEU B 42 17.67 20.42 8.93
N VAL B 43 16.74 20.93 8.13
CA VAL B 43 16.97 21.02 6.69
C VAL B 43 18.15 21.93 6.40
N ASP B 44 18.20 23.07 7.10
CA ASP B 44 19.30 24.00 6.93
C ASP B 44 20.61 23.27 7.18
N TRP B 45 20.66 22.52 8.29
CA TRP B 45 21.87 21.77 8.61
C TRP B 45 22.26 20.83 7.46
N LEU B 46 21.25 20.17 6.88
CA LEU B 46 21.50 19.27 5.76
C LEU B 46 22.10 20.06 4.60
N VAL B 47 21.61 21.28 4.40
CA VAL B 47 22.12 22.14 3.34
C VAL B 47 23.64 22.25 3.51
N GLU B 48 24.08 22.50 4.74
CA GLU B 48 25.51 22.63 5.02
C GLU B 48 26.24 21.31 4.78
N VAL B 49 25.64 20.21 5.21
CA VAL B 49 26.24 18.91 5.00
C VAL B 49 26.48 18.73 3.50
N GLY B 50 25.51 19.17 2.70
CA GLY B 50 25.61 19.05 1.25
C GLY B 50 26.82 19.80 0.71
N GLU B 51 27.03 21.00 1.23
CA GLU B 51 28.15 21.83 0.82
C GLU B 51 29.46 21.20 1.28
N GLU B 52 29.51 20.85 2.57
CA GLU B 52 30.69 20.24 3.17
C GLU B 52 31.21 19.05 2.37
N TYR B 53 30.30 18.23 1.87
CA TYR B 53 30.70 17.04 1.11
C TYR B 53 30.51 17.17 -0.39
N LYS B 54 30.22 18.38 -0.85
CA LYS B 54 30.04 18.62 -2.27
C LYS B 54 29.10 17.60 -2.91
N LEU B 55 27.89 17.55 -2.37
CA LEU B 55 26.85 16.66 -2.84
C LEU B 55 25.98 17.47 -3.80
N GLN B 56 25.16 16.77 -4.59
CA GLN B 56 24.30 17.44 -5.55
C GLN B 56 23.08 18.02 -4.87
N ASN B 57 22.44 18.99 -5.51
CA ASN B 57 21.26 19.61 -4.94
C ASN B 57 20.09 18.62 -4.95
N GLU B 58 20.15 17.66 -5.87
CA GLU B 58 19.13 16.64 -5.95
C GLU B 58 19.21 15.79 -4.68
N THR B 59 20.43 15.44 -4.29
CA THR B 59 20.62 14.64 -3.09
C THR B 59 20.00 15.33 -1.87
N LEU B 60 19.91 16.67 -1.91
CA LEU B 60 19.32 17.43 -0.80
C LEU B 60 17.79 17.40 -0.90
N HIS B 61 17.26 17.62 -2.09
CA HIS B 61 15.81 17.60 -2.28
C HIS B 61 15.19 16.23 -1.92
N LEU B 62 15.91 15.16 -2.23
CA LEU B 62 15.46 13.79 -1.96
C LEU B 62 15.39 13.55 -0.46
N ALA B 63 16.51 13.73 0.23
CA ALA B 63 16.57 13.54 1.66
C ALA B 63 15.40 14.26 2.33
N VAL B 64 15.09 15.48 1.86
CA VAL B 64 13.99 16.21 2.44
C VAL B 64 12.71 15.42 2.25
N ASN B 65 12.56 14.79 1.09
CA ASN B 65 11.37 13.97 0.80
C ASN B 65 11.31 12.78 1.75
N TYR B 66 12.44 12.08 1.89
CA TYR B 66 12.53 10.94 2.77
C TYR B 66 12.11 11.33 4.20
N ILE B 67 12.64 12.46 4.67
CA ILE B 67 12.33 12.91 6.01
C ILE B 67 10.82 13.22 6.15
N ASP B 68 10.31 14.15 5.36
CA ASP B 68 8.89 14.49 5.44
C ASP B 68 8.03 13.25 5.37
N ARG B 69 8.39 12.35 4.46
CA ARG B 69 7.64 11.12 4.26
C ARG B 69 7.64 10.31 5.56
N PHE B 70 8.83 10.09 6.12
CA PHE B 70 9.00 9.35 7.35
C PHE B 70 8.16 9.94 8.47
N LEU B 71 8.31 11.25 8.69
CA LEU B 71 7.58 11.92 9.75
C LEU B 71 6.08 11.91 9.53
N SER B 72 5.65 11.64 8.30
CA SER B 72 4.22 11.60 8.01
C SER B 72 3.53 10.39 8.62
N SER B 73 4.30 9.44 9.14
CA SER B 73 3.72 8.24 9.72
C SER B 73 4.46 7.69 10.93
N MET B 74 5.57 8.32 11.32
CA MET B 74 6.34 7.87 12.47
C MET B 74 6.52 9.00 13.47
N SER B 75 6.15 8.76 14.72
CA SER B 75 6.33 9.78 15.76
C SER B 75 7.80 9.78 16.11
N VAL B 76 8.39 10.97 16.13
CA VAL B 76 9.81 11.09 16.45
C VAL B 76 10.03 12.13 17.53
N LEU B 77 10.89 11.80 18.50
CA LEU B 77 11.22 12.72 19.57
C LEU B 77 12.35 13.60 19.04
N ARG B 78 12.35 14.87 19.44
CA ARG B 78 13.37 15.81 18.98
C ARG B 78 14.78 15.21 19.11
N GLY B 79 15.02 14.45 20.17
CA GLY B 79 16.32 13.87 20.35
C GLY B 79 16.78 12.95 19.23
N LYS B 80 15.84 12.48 18.40
CA LYS B 80 16.17 11.58 17.29
C LYS B 80 16.00 12.19 15.90
N LEU B 81 15.30 13.32 15.84
CA LEU B 81 15.06 14.00 14.57
C LEU B 81 16.31 14.13 13.71
N GLN B 82 17.47 14.26 14.33
CA GLN B 82 18.69 14.39 13.55
C GLN B 82 19.17 13.04 13.04
N LEU B 83 18.95 11.99 13.82
CA LEU B 83 19.34 10.64 13.40
C LEU B 83 18.50 10.28 12.18
N VAL B 84 17.23 10.65 12.21
CA VAL B 84 16.35 10.39 11.08
C VAL B 84 16.94 11.13 9.89
N GLY B 85 17.15 12.43 10.08
CA GLY B 85 17.70 13.28 9.04
C GLY B 85 18.99 12.77 8.45
N THR B 86 19.93 12.36 9.30
CA THR B 86 21.20 11.85 8.83
C THR B 86 21.01 10.65 7.91
N ALA B 87 20.24 9.66 8.36
CA ALA B 87 20.00 8.46 7.56
C ALA B 87 19.37 8.83 6.23
N ALA B 88 18.37 9.71 6.29
CA ALA B 88 17.68 10.14 5.08
C ALA B 88 18.71 10.68 4.07
N MET B 89 19.67 11.44 4.59
CA MET B 89 20.71 12.04 3.76
C MET B 89 21.59 10.90 3.23
N LEU B 90 21.97 9.99 4.12
CA LEU B 90 22.78 8.85 3.74
C LEU B 90 22.15 8.10 2.56
N LEU B 91 20.85 7.82 2.69
CA LEU B 91 20.09 7.13 1.65
C LEU B 91 20.05 7.93 0.36
N ALA B 92 19.66 9.20 0.46
CA ALA B 92 19.59 10.04 -0.72
C ALA B 92 20.95 10.00 -1.43
N SER B 93 22.03 9.98 -0.65
CA SER B 93 23.36 9.92 -1.24
C SER B 93 23.58 8.61 -1.98
N LYS B 94 23.30 7.50 -1.32
CA LYS B 94 23.49 6.20 -1.94
C LYS B 94 22.70 6.08 -3.24
N PHE B 95 21.57 6.77 -3.28
CA PHE B 95 20.69 6.73 -4.44
C PHE B 95 21.11 7.65 -5.56
N GLU B 96 21.46 8.89 -5.21
CA GLU B 96 21.81 9.90 -6.20
C GLU B 96 23.28 10.22 -6.49
N GLU B 97 24.14 10.17 -5.48
CA GLU B 97 25.55 10.48 -5.70
C GLU B 97 26.26 9.36 -6.45
N ILE B 98 27.36 9.70 -7.13
CA ILE B 98 28.12 8.69 -7.87
C ILE B 98 28.69 7.75 -6.82
N TYR B 99 29.27 8.34 -5.78
CA TYR B 99 29.79 7.56 -4.66
C TYR B 99 29.51 8.39 -3.41
N PRO B 100 28.61 7.90 -2.56
CA PRO B 100 28.25 8.58 -1.33
C PRO B 100 29.37 8.60 -0.31
N PRO B 101 29.25 9.46 0.70
CA PRO B 101 30.27 9.54 1.74
C PRO B 101 30.13 8.27 2.58
N GLU B 102 31.19 7.88 3.26
CA GLU B 102 31.14 6.69 4.08
C GLU B 102 30.29 6.93 5.33
N VAL B 103 29.71 5.88 5.87
CA VAL B 103 28.88 6.01 7.06
C VAL B 103 29.62 6.82 8.11
N ALA B 104 30.89 6.45 8.33
CA ALA B 104 31.73 7.14 9.31
C ALA B 104 31.59 8.66 9.19
N GLU B 105 31.53 9.14 7.96
CA GLU B 105 31.38 10.56 7.68
C GLU B 105 30.07 11.11 8.19
N PHE B 106 28.99 10.35 8.03
CA PHE B 106 27.69 10.81 8.52
C PHE B 106 27.63 10.77 10.05
N VAL B 107 28.35 9.82 10.64
CA VAL B 107 28.38 9.70 12.10
C VAL B 107 29.19 10.88 12.64
N TYR B 108 30.23 11.25 11.90
CA TYR B 108 31.11 12.35 12.26
C TYR B 108 30.38 13.69 12.29
N ILE B 109 29.82 14.09 11.15
CA ILE B 109 29.11 15.37 11.01
C ILE B 109 27.96 15.57 12.01
N THR B 110 27.74 14.58 12.86
CA THR B 110 26.68 14.68 13.85
C THR B 110 27.28 14.87 15.24
N ASP B 111 28.60 15.03 15.28
CA ASP B 111 29.34 15.21 16.54
C ASP B 111 29.19 13.97 17.40
N ASP B 112 29.27 12.82 16.76
CA ASP B 112 29.14 11.54 17.42
C ASP B 112 27.96 11.44 18.40
N THR B 113 26.96 12.30 18.24
CA THR B 113 25.80 12.23 19.12
C THR B 113 25.10 10.91 18.84
N TYR B 114 25.43 10.29 17.71
CA TYR B 114 24.86 9.01 17.31
C TYR B 114 25.95 7.99 16.94
N THR B 115 25.64 6.72 17.12
CA THR B 115 26.55 5.62 16.82
C THR B 115 26.47 5.24 15.35
N LYS B 116 27.57 4.71 14.83
CA LYS B 116 27.59 4.25 13.44
C LYS B 116 26.50 3.18 13.38
N LYS B 117 26.37 2.43 14.47
CA LYS B 117 25.38 1.36 14.55
C LYS B 117 23.99 1.98 14.47
N GLN B 118 23.79 3.11 15.13
CA GLN B 118 22.50 3.79 15.10
C GLN B 118 22.14 4.27 13.69
N VAL B 119 23.11 4.87 13.01
CA VAL B 119 22.87 5.37 11.66
C VAL B 119 22.37 4.22 10.79
N LEU B 120 23.13 3.14 10.76
CA LEU B 120 22.78 1.98 9.95
C LEU B 120 21.41 1.39 10.27
N ARG B 121 21.01 1.45 11.52
CA ARG B 121 19.72 0.90 11.91
C ARG B 121 18.61 1.84 11.52
N MET B 122 18.87 3.14 11.64
CA MET B 122 17.89 4.14 11.25
C MET B 122 17.70 4.05 9.74
N GLU B 123 18.78 3.74 9.02
CA GLU B 123 18.73 3.60 7.56
C GLU B 123 17.74 2.50 7.19
N HIS B 124 17.84 1.36 7.87
CA HIS B 124 16.94 0.24 7.62
C HIS B 124 15.52 0.67 7.96
N LEU B 125 15.36 1.29 9.12
CA LEU B 125 14.03 1.70 9.53
C LEU B 125 13.38 2.64 8.51
N VAL B 126 14.17 3.56 7.96
CA VAL B 126 13.65 4.50 6.97
C VAL B 126 13.28 3.74 5.69
N LEU B 127 14.17 2.82 5.28
CA LEU B 127 13.93 2.02 4.08
C LEU B 127 12.65 1.22 4.25
N LYS B 128 12.47 0.63 5.44
CA LYS B 128 11.28 -0.15 5.72
C LYS B 128 10.04 0.76 5.71
N VAL B 129 10.10 1.87 6.43
CA VAL B 129 8.94 2.76 6.46
C VAL B 129 8.62 3.38 5.10
N LEU B 130 9.67 3.69 4.32
CA LEU B 130 9.46 4.27 3.00
C LEU B 130 9.17 3.18 1.96
N THR B 131 9.24 1.92 2.41
CA THR B 131 9.02 0.73 1.55
C THR B 131 9.86 0.77 0.28
N PHE B 132 11.10 1.21 0.45
CA PHE B 132 12.08 1.29 -0.63
C PHE B 132 11.78 2.22 -1.80
N ASP B 133 10.69 2.97 -1.72
CA ASP B 133 10.37 3.86 -2.81
C ASP B 133 11.12 5.19 -2.70
N LEU B 134 12.40 5.16 -3.08
CA LEU B 134 13.26 6.33 -3.00
C LEU B 134 13.34 7.27 -4.21
N ALA B 135 12.93 6.80 -5.39
CA ALA B 135 12.99 7.63 -6.59
C ALA B 135 11.88 8.67 -6.68
N ALA B 136 11.86 9.59 -5.73
CA ALA B 136 10.85 10.65 -5.65
C ALA B 136 11.09 11.89 -6.48
N PRO B 137 10.07 12.36 -7.22
CA PRO B 137 10.23 13.56 -8.04
C PRO B 137 10.54 14.79 -7.16
N THR B 138 11.54 15.58 -7.54
CA THR B 138 11.88 16.77 -6.77
C THR B 138 11.62 18.06 -7.54
N VAL B 139 11.61 19.18 -6.82
CA VAL B 139 11.40 20.50 -7.40
C VAL B 139 12.56 20.76 -8.34
N ASN B 140 13.72 20.29 -7.92
CA ASN B 140 14.94 20.40 -8.68
C ASN B 140 14.77 19.71 -10.04
N GLN B 141 14.09 18.57 -10.06
CA GLN B 141 13.87 17.88 -11.31
C GLN B 141 12.98 18.67 -12.25
N PHE B 142 11.83 19.12 -11.75
CA PHE B 142 10.94 19.89 -12.59
C PHE B 142 11.57 21.17 -13.18
N LEU B 143 12.45 21.82 -12.44
CA LEU B 143 13.08 23.02 -12.97
C LEU B 143 13.85 22.58 -14.21
N THR B 144 14.62 21.50 -14.05
CA THR B 144 15.41 20.90 -15.13
C THR B 144 14.58 20.76 -16.42
N GLN B 145 13.37 20.20 -16.28
CA GLN B 145 12.48 20.01 -17.41
C GLN B 145 12.02 21.34 -17.99
N TYR B 146 11.75 22.30 -17.11
CA TYR B 146 11.30 23.61 -17.56
C TYR B 146 12.43 24.37 -18.24
N PHE B 147 13.66 24.18 -17.77
CA PHE B 147 14.82 24.87 -18.34
C PHE B 147 14.99 24.69 -19.85
N LEU B 148 14.50 23.58 -20.38
CA LEU B 148 14.60 23.33 -21.81
C LEU B 148 13.74 24.33 -22.58
N HIS B 149 12.72 24.85 -21.92
CA HIS B 149 11.79 25.80 -22.53
C HIS B 149 12.24 27.26 -22.52
N GLN B 150 13.51 27.49 -22.17
CA GLN B 150 14.03 28.86 -22.17
C GLN B 150 14.26 29.31 -23.60
N GLN B 151 14.43 30.61 -23.79
CA GLN B 151 14.64 31.16 -25.13
C GLN B 151 15.56 32.38 -25.18
N PRO B 152 16.88 32.16 -25.09
CA PRO B 152 17.53 30.85 -24.93
C PRO B 152 17.75 30.61 -23.44
N ALA B 153 18.78 29.83 -23.11
CA ALA B 153 19.08 29.57 -21.71
C ALA B 153 19.77 30.77 -21.05
N ASN B 154 19.41 31.04 -19.80
CA ASN B 154 20.01 32.12 -19.05
C ASN B 154 20.48 31.52 -17.74
N CYS B 155 21.74 31.11 -17.72
CA CYS B 155 22.29 30.46 -16.54
C CYS B 155 22.15 31.21 -15.22
N LYS B 156 21.60 32.42 -15.26
CA LYS B 156 21.42 33.21 -14.03
C LYS B 156 19.99 33.00 -13.52
N VAL B 157 19.05 32.88 -14.46
CA VAL B 157 17.65 32.64 -14.14
C VAL B 157 17.59 31.28 -13.44
N GLU B 158 18.32 30.32 -13.98
CA GLU B 158 18.35 28.98 -13.44
C GLU B 158 18.88 28.96 -12.01
N SER B 159 20.05 29.57 -11.81
CA SER B 159 20.63 29.60 -10.48
C SER B 159 19.67 30.25 -9.50
N LEU B 160 18.86 31.19 -9.96
CA LEU B 160 17.92 31.88 -9.08
C LEU B 160 16.74 30.98 -8.74
N ALA B 161 16.18 30.33 -9.76
CA ALA B 161 15.04 29.44 -9.58
C ALA B 161 15.45 28.29 -8.65
N MET B 162 16.71 27.88 -8.75
CA MET B 162 17.24 26.83 -7.90
C MET B 162 17.27 27.35 -6.48
N PHE B 163 17.75 28.58 -6.33
CA PHE B 163 17.84 29.24 -5.04
C PHE B 163 16.47 29.29 -4.36
N LEU B 164 15.46 29.75 -5.10
CA LEU B 164 14.11 29.83 -4.56
C LEU B 164 13.52 28.46 -4.20
N GLY B 165 13.72 27.47 -5.06
CA GLY B 165 13.20 26.15 -4.79
C GLY B 165 13.93 25.53 -3.60
N GLU B 166 15.21 25.83 -3.48
CA GLU B 166 15.97 25.30 -2.37
C GLU B 166 15.54 25.98 -1.09
N LEU B 167 14.97 27.19 -1.21
CA LEU B 167 14.51 27.91 -0.02
C LEU B 167 13.22 27.30 0.48
N SER B 168 12.39 26.82 -0.43
CA SER B 168 11.13 26.22 -0.02
C SER B 168 11.36 24.99 0.86
N LEU B 169 12.42 24.25 0.58
CA LEU B 169 12.73 23.05 1.37
C LEU B 169 12.73 23.32 2.86
N ILE B 170 13.15 24.53 3.22
CA ILE B 170 13.27 24.96 4.62
C ILE B 170 11.99 25.19 5.43
N ASP B 171 11.06 25.95 4.89
CA ASP B 171 9.85 26.24 5.64
C ASP B 171 8.66 25.38 5.28
N ALA B 172 8.45 24.34 6.08
CA ALA B 172 7.33 23.45 5.83
C ALA B 172 6.07 24.29 6.03
N ASP B 173 6.19 25.27 6.93
CA ASP B 173 5.11 26.19 7.32
C ASP B 173 4.10 26.54 6.23
N PRO B 174 4.57 26.83 5.00
CA PRO B 174 3.61 27.14 3.93
C PRO B 174 3.79 26.21 2.73
N TYR B 175 4.96 25.57 2.63
CA TYR B 175 5.29 24.74 1.46
C TYR B 175 4.85 23.29 1.31
N LEU B 176 4.64 22.59 2.41
CA LEU B 176 4.21 21.21 2.27
C LEU B 176 2.89 21.13 1.52
N LYS B 177 2.21 22.26 1.37
CA LYS B 177 0.93 22.22 0.68
C LYS B 177 1.00 22.46 -0.83
N TYR B 178 2.20 22.42 -1.39
CA TYR B 178 2.36 22.60 -2.83
C TYR B 178 3.12 21.42 -3.44
N LEU B 179 2.68 20.96 -4.61
CA LEU B 179 3.39 19.86 -5.26
C LEU B 179 4.68 20.41 -5.83
N PRO B 180 5.73 19.58 -5.91
CA PRO B 180 7.01 20.03 -6.46
C PRO B 180 6.87 20.70 -7.83
N SER B 181 5.99 20.16 -8.69
CA SER B 181 5.79 20.75 -10.01
C SER B 181 5.24 22.17 -9.90
N VAL B 182 4.54 22.44 -8.80
CA VAL B 182 3.98 23.77 -8.58
C VAL B 182 5.04 24.70 -8.01
N ILE B 183 5.72 24.27 -6.94
CA ILE B 183 6.76 25.08 -6.37
C ILE B 183 7.77 25.45 -7.46
N ALA B 184 8.11 24.47 -8.29
CA ALA B 184 9.06 24.67 -9.39
C ALA B 184 8.54 25.71 -10.37
N GLY B 185 7.25 25.65 -10.67
CA GLY B 185 6.65 26.60 -11.60
C GLY B 185 6.78 28.00 -11.02
N ALA B 186 6.50 28.11 -9.72
CA ALA B 186 6.60 29.38 -9.01
C ALA B 186 8.04 29.86 -9.09
N ALA B 187 8.96 29.02 -8.62
CA ALA B 187 10.39 29.35 -8.62
C ALA B 187 10.89 29.78 -10.00
N PHE B 188 10.43 29.11 -11.05
CA PHE B 188 10.87 29.44 -12.40
C PHE B 188 10.45 30.84 -12.83
N HIS B 189 9.14 31.07 -12.92
CA HIS B 189 8.63 32.37 -13.33
C HIS B 189 9.22 33.52 -12.51
N LEU B 190 9.23 33.34 -11.19
CA LEU B 190 9.75 34.37 -10.31
C LEU B 190 11.20 34.69 -10.65
N ALA B 191 11.96 33.68 -11.04
CA ALA B 191 13.36 33.90 -11.39
C ALA B 191 13.42 34.58 -12.75
N LEU B 192 12.62 34.07 -13.67
CA LEU B 192 12.55 34.59 -15.04
C LEU B 192 12.16 36.07 -15.06
N TYR B 193 11.31 36.45 -14.11
CA TYR B 193 10.82 37.81 -14.01
C TYR B 193 11.90 38.75 -13.47
N THR B 194 12.52 38.34 -12.37
CA THR B 194 13.56 39.12 -11.73
C THR B 194 14.74 39.42 -12.68
N VAL B 195 15.22 38.40 -13.37
CA VAL B 195 16.37 38.53 -14.25
C VAL B 195 16.09 39.07 -15.65
N THR B 196 14.94 38.75 -16.22
CA THR B 196 14.64 39.20 -17.58
C THR B 196 13.24 39.76 -17.82
N GLY B 197 12.54 40.14 -16.75
CA GLY B 197 11.21 40.69 -16.94
C GLY B 197 10.24 39.79 -17.70
N GLN B 198 10.66 38.56 -17.99
CA GLN B 198 9.78 37.64 -18.71
C GLN B 198 8.92 36.84 -17.74
N SER B 199 7.83 36.27 -18.25
CA SER B 199 6.91 35.48 -17.42
C SER B 199 6.86 34.00 -17.78
N TRP B 200 5.99 33.28 -17.09
CA TRP B 200 5.76 31.86 -17.31
C TRP B 200 5.44 31.76 -18.81
N PRO B 201 6.35 31.15 -19.60
CA PRO B 201 6.18 30.99 -21.05
C PRO B 201 5.01 30.15 -21.49
N GLU B 202 4.44 30.49 -22.64
CA GLU B 202 3.30 29.76 -23.18
C GLU B 202 3.61 28.29 -23.38
N SER B 203 4.84 27.98 -23.78
CA SER B 203 5.22 26.59 -23.99
C SER B 203 5.00 25.80 -22.71
N LEU B 204 5.37 26.39 -21.58
CA LEU B 204 5.22 25.71 -20.29
C LEU B 204 3.76 25.59 -19.85
N ILE B 205 2.97 26.64 -20.06
CA ILE B 205 1.57 26.59 -19.66
C ILE B 205 0.95 25.38 -20.35
N ARG B 206 1.29 25.20 -21.62
CA ARG B 206 0.76 24.08 -22.38
C ARG B 206 1.33 22.76 -21.91
N LYS B 207 2.62 22.72 -21.64
CA LYS B 207 3.25 21.48 -21.19
C LYS B 207 2.81 21.08 -19.79
N THR B 208 2.58 22.06 -18.92
CA THR B 208 2.21 21.75 -17.55
C THR B 208 0.74 21.88 -17.27
N GLY B 209 0.02 22.62 -18.11
CA GLY B 209 -1.39 22.81 -17.87
C GLY B 209 -1.60 23.89 -16.83
N TYR B 210 -0.51 24.33 -16.19
CA TYR B 210 -0.59 25.40 -15.19
C TYR B 210 -0.61 26.78 -15.86
N THR B 211 -1.52 27.64 -15.43
CA THR B 211 -1.61 28.99 -15.98
C THR B 211 -0.85 29.87 -15.00
N LEU B 212 -0.48 31.08 -15.42
CA LEU B 212 0.22 31.94 -14.48
C LEU B 212 -0.71 32.10 -13.28
N GLU B 213 -1.99 32.31 -13.58
CA GLU B 213 -3.00 32.48 -12.55
C GLU B 213 -3.01 31.33 -11.54
N SER B 214 -2.97 30.09 -12.05
CA SER B 214 -3.00 28.90 -11.19
C SER B 214 -1.79 28.74 -10.26
N LEU B 215 -0.68 29.40 -10.59
CA LEU B 215 0.51 29.36 -9.75
C LEU B 215 0.53 30.52 -8.76
N LYS B 216 -0.39 31.47 -8.95
CA LYS B 216 -0.47 32.65 -8.11
C LYS B 216 -0.27 32.45 -6.60
N PRO B 217 -1.06 31.56 -5.97
CA PRO B 217 -0.95 31.30 -4.52
C PRO B 217 0.45 30.91 -4.05
N CYS B 218 1.01 29.85 -4.65
CA CYS B 218 2.35 29.41 -4.31
C CYS B 218 3.30 30.58 -4.55
N LEU B 219 3.12 31.19 -5.72
CA LEU B 219 3.92 32.33 -6.16
C LEU B 219 3.95 33.42 -5.08
N MET B 220 2.77 33.87 -4.64
CA MET B 220 2.67 34.89 -3.59
C MET B 220 3.53 34.46 -2.41
N ASP B 221 3.38 33.19 -2.01
CA ASP B 221 4.16 32.65 -0.90
C ASP B 221 5.65 32.70 -1.16
N LEU B 222 6.08 32.21 -2.32
CA LEU B 222 7.50 32.19 -2.64
C LEU B 222 8.08 33.60 -2.70
N HIS B 223 7.40 34.50 -3.39
CA HIS B 223 7.85 35.88 -3.52
C HIS B 223 8.09 36.44 -2.12
N GLN B 224 7.12 36.20 -1.26
CA GLN B 224 7.16 36.65 0.11
C GLN B 224 8.37 36.01 0.83
N THR B 225 8.66 34.76 0.50
CA THR B 225 9.77 34.05 1.13
C THR B 225 11.07 34.63 0.62
N TYR B 226 11.07 34.97 -0.65
CA TYR B 226 12.23 35.56 -1.31
C TYR B 226 12.57 36.90 -0.64
N LEU B 227 11.53 37.70 -0.38
CA LEU B 227 11.69 39.00 0.26
C LEU B 227 12.31 38.94 1.65
N LYS B 228 11.70 38.18 2.56
CA LYS B 228 12.20 38.08 3.93
C LYS B 228 13.45 37.22 4.06
N ALA B 229 13.85 36.58 2.98
CA ALA B 229 15.02 35.70 2.96
C ALA B 229 16.23 36.15 3.79
N PRO B 230 16.58 37.45 3.71
CA PRO B 230 17.74 37.93 4.47
C PRO B 230 17.55 37.92 5.99
N GLN B 231 16.30 38.07 6.44
CA GLN B 231 16.02 38.07 7.87
C GLN B 231 15.50 36.75 8.40
N HIS B 232 15.74 35.67 7.67
CA HIS B 232 15.27 34.36 8.11
C HIS B 232 16.21 33.78 9.15
N ALA B 233 15.67 32.96 10.04
CA ALA B 233 16.48 32.35 11.09
C ALA B 233 17.55 31.43 10.49
N GLN B 234 17.28 30.88 9.31
CA GLN B 234 18.22 29.99 8.63
C GLN B 234 18.80 30.71 7.42
N GLN B 235 20.12 30.66 7.30
CA GLN B 235 20.81 31.35 6.22
C GLN B 235 21.75 30.52 5.36
N SER B 236 21.94 29.24 5.70
CA SER B 236 22.85 28.38 4.95
C SER B 236 22.63 28.38 3.44
N ILE B 237 21.38 28.43 3.02
CA ILE B 237 21.06 28.42 1.60
C ILE B 237 21.42 29.74 0.92
N ARG B 238 21.16 30.86 1.59
CA ARG B 238 21.51 32.17 1.02
C ARG B 238 23.03 32.27 0.87
N GLU B 239 23.75 31.81 1.89
CA GLU B 239 25.21 31.86 1.85
C GLU B 239 25.72 30.98 0.73
N LYS B 240 24.99 29.92 0.43
CA LYS B 240 25.37 28.99 -0.62
C LYS B 240 25.24 29.63 -2.00
N TYR B 241 24.14 30.34 -2.20
CA TYR B 241 23.84 30.97 -3.48
C TYR B 241 24.37 32.38 -3.75
N LYS B 242 25.32 32.86 -2.95
CA LYS B 242 25.88 34.18 -3.22
C LYS B 242 27.21 33.88 -3.87
N ASN B 243 27.58 32.61 -3.83
CA ASN B 243 28.79 32.09 -4.44
C ASN B 243 28.76 32.41 -5.94
N SER B 244 29.93 32.45 -6.56
CA SER B 244 30.04 32.74 -7.99
C SER B 244 29.73 31.52 -8.85
N LYS B 245 29.46 30.39 -8.20
CA LYS B 245 29.13 29.16 -8.90
C LYS B 245 27.66 29.29 -9.30
N TYR B 246 26.89 29.99 -8.49
CA TYR B 246 25.47 30.20 -8.74
C TYR B 246 25.24 31.65 -9.16
N HIS B 247 26.31 32.37 -9.45
CA HIS B 247 26.24 33.77 -9.88
C HIS B 247 25.66 34.71 -8.82
N GLY B 248 26.00 34.48 -7.55
CA GLY B 248 25.51 35.31 -6.47
C GLY B 248 24.08 35.82 -6.66
N VAL B 249 23.21 34.95 -7.14
CA VAL B 249 21.82 35.32 -7.37
C VAL B 249 21.06 35.58 -6.08
N SER B 250 21.57 35.08 -4.96
CA SER B 250 20.89 35.27 -3.68
C SER B 250 21.01 36.73 -3.27
N LEU B 251 21.81 37.47 -4.03
CA LEU B 251 22.03 38.89 -3.77
C LEU B 251 21.16 39.79 -4.65
N LEU B 252 20.51 39.20 -5.65
CA LEU B 252 19.65 39.98 -6.53
C LEU B 252 18.43 40.46 -5.75
N ASN B 253 18.19 41.77 -5.79
CA ASN B 253 17.08 42.35 -5.07
C ASN B 253 15.77 41.95 -5.72
N PRO B 254 14.90 41.28 -4.96
CA PRO B 254 13.60 40.83 -5.47
C PRO B 254 12.68 41.95 -5.87
N PRO B 255 11.79 41.70 -6.84
CA PRO B 255 10.86 42.75 -7.25
C PRO B 255 10.06 43.08 -6.01
N GLU B 256 9.35 44.21 -6.00
CA GLU B 256 8.56 44.56 -4.82
C GLU B 256 7.13 44.10 -5.05
N THR B 257 6.73 44.03 -6.31
CA THR B 257 5.40 43.58 -6.68
C THR B 257 5.57 42.63 -7.85
N LEU B 258 4.51 41.88 -8.15
CA LEU B 258 4.57 40.94 -9.27
C LEU B 258 3.55 41.31 -10.35
N ASN B 259 2.64 42.23 -10.01
CA ASN B 259 1.62 42.68 -10.97
C ASN B 259 0.84 41.50 -11.55
N LEU B 260 0.22 40.71 -10.66
CA LEU B 260 -0.56 39.53 -11.06
C LEU B 260 -2.07 39.72 -10.87
N MET C 1 11.75 -6.11 15.45
CA MET C 1 11.53 -6.32 16.92
C MET C 1 12.69 -5.87 17.82
N GLU C 2 13.86 -5.77 17.23
CA GLU C 2 15.07 -5.38 17.95
C GLU C 2 15.14 -3.89 18.27
N ASN C 3 14.34 -3.09 17.60
CA ASN C 3 14.36 -1.65 17.84
C ASN C 3 13.43 -1.27 18.97
N PHE C 4 13.01 -2.25 19.76
CA PHE C 4 12.11 -1.98 20.87
C PHE C 4 12.70 -2.37 22.21
N GLN C 5 12.54 -1.49 23.18
CA GLN C 5 13.03 -1.71 24.54
C GLN C 5 11.81 -1.86 25.44
N LYS C 6 11.61 -3.05 26.00
CA LYS C 6 10.47 -3.28 26.88
C LYS C 6 10.69 -2.55 28.20
N VAL C 7 9.62 -1.93 28.71
CA VAL C 7 9.68 -1.17 29.96
C VAL C 7 9.02 -1.88 31.16
N GLU C 8 7.70 -1.99 31.13
CA GLU C 8 6.96 -2.64 32.23
C GLU C 8 5.66 -3.28 31.74
N LYS C 9 5.35 -4.47 32.23
CA LYS C 9 4.12 -5.15 31.84
C LYS C 9 2.93 -4.30 32.29
N ILE C 10 2.22 -3.72 31.33
CA ILE C 10 1.08 -2.86 31.65
C ILE C 10 -0.27 -3.56 31.50
N GLY C 11 -0.23 -4.86 31.26
CA GLY C 11 -1.45 -5.62 31.10
C GLY C 11 -1.17 -6.99 30.52
N GLU C 12 -1.98 -7.97 30.89
CA GLU C 12 -1.80 -9.33 30.40
C GLU C 12 -3.07 -10.13 30.60
N GLY C 13 -3.02 -11.40 30.23
CA GLY C 13 -4.17 -12.25 30.40
C GLY C 13 -4.37 -13.29 29.33
N THR C 14 -5.56 -13.28 28.74
CA THR C 14 -5.96 -14.22 27.69
C THR C 14 -5.32 -13.99 26.33
N TYR C 15 -5.43 -12.78 25.79
CA TYR C 15 -4.87 -12.45 24.48
C TYR C 15 -3.35 -12.39 24.50
N GLY C 16 -2.76 -12.62 25.67
CA GLY C 16 -1.32 -12.56 25.79
C GLY C 16 -0.96 -11.25 26.48
N VAL C 17 0.27 -11.18 26.99
CA VAL C 17 0.74 -9.99 27.70
C VAL C 17 0.96 -8.73 26.85
N VAL C 18 0.83 -7.57 27.50
CA VAL C 18 1.00 -6.26 26.86
C VAL C 18 2.01 -5.41 27.64
N TYR C 19 3.19 -5.20 27.07
CA TYR C 19 4.23 -4.41 27.71
C TYR C 19 4.26 -2.99 27.17
N LYS C 20 4.78 -2.07 27.98
CA LYS C 20 4.93 -0.69 27.57
C LYS C 20 6.37 -0.66 27.11
N ALA C 21 6.60 -0.26 25.86
CA ALA C 21 7.96 -0.25 25.35
C ALA C 21 8.32 1.05 24.64
N ARG C 22 9.59 1.17 24.30
CA ARG C 22 10.07 2.37 23.61
C ARG C 22 10.83 1.98 22.35
N ASN C 23 10.70 2.84 21.35
CA ASN C 23 11.36 2.64 20.07
C ASN C 23 12.78 3.20 20.23
N LYS C 24 13.77 2.32 20.26
CA LYS C 24 15.15 2.75 20.44
C LYS C 24 15.67 3.66 19.32
N LEU C 25 14.89 3.86 18.26
CA LEU C 25 15.35 4.74 17.19
C LEU C 25 14.59 6.07 17.14
N THR C 26 13.26 6.02 17.16
CA THR C 26 12.48 7.24 17.11
C THR C 26 12.21 7.77 18.52
N GLY C 27 12.43 6.90 19.51
CA GLY C 27 12.20 7.29 20.90
C GLY C 27 10.74 7.29 21.26
N GLU C 28 9.91 6.84 20.33
CA GLU C 28 8.47 6.78 20.54
C GLU C 28 8.09 5.73 21.59
N VAL C 29 7.01 5.99 22.32
CA VAL C 29 6.53 5.06 23.34
C VAL C 29 5.30 4.33 22.83
N VAL C 30 5.42 3.01 22.79
CA VAL C 30 4.36 2.17 22.30
C VAL C 30 3.91 1.18 23.35
N ALA C 31 2.91 0.38 22.98
CA ALA C 31 2.36 -0.68 23.82
C ALA C 31 2.50 -1.95 22.96
N LEU C 32 3.23 -2.94 23.46
CA LEU C 32 3.41 -4.18 22.71
C LEU C 32 2.51 -5.29 23.18
N LYS C 33 1.62 -5.75 22.30
CA LYS C 33 0.74 -6.87 22.64
C LYS C 33 1.42 -8.10 22.06
N LYS C 34 1.92 -8.95 22.94
CA LYS C 34 2.64 -10.14 22.54
C LYS C 34 1.73 -11.37 22.46
N ILE C 35 1.85 -12.12 21.38
CA ILE C 35 1.07 -13.34 21.19
C ILE C 35 2.09 -14.44 20.88
N ARG C 36 2.25 -15.36 21.83
CA ARG C 36 3.24 -16.44 21.71
C ARG C 36 2.99 -17.36 20.51
N LEU C 37 1.73 -17.59 20.16
CA LEU C 37 1.36 -18.44 19.02
C LEU C 37 1.40 -19.95 19.22
N ASP C 38 0.42 -20.63 18.61
CA ASP C 38 0.33 -22.08 18.67
C ASP C 38 0.62 -22.58 17.25
N THR C 39 1.88 -22.41 16.84
CA THR C 39 2.38 -22.78 15.51
C THR C 39 2.22 -24.27 15.17
N GLU C 40 1.35 -24.98 15.90
CA GLU C 40 1.14 -26.40 15.65
C GLU C 40 -0.32 -26.85 15.69
N THR C 41 -1.18 -26.13 16.40
CA THR C 41 -2.58 -26.55 16.48
C THR C 41 -3.59 -25.42 16.51
N GLU C 42 -3.17 -24.23 16.11
CA GLU C 42 -4.08 -23.11 16.12
C GLU C 42 -3.65 -22.01 15.16
N GLY C 43 -2.34 -21.88 14.95
CA GLY C 43 -1.84 -20.85 14.07
C GLY C 43 -2.13 -19.48 14.67
N VAL C 44 -2.44 -18.51 13.83
CA VAL C 44 -2.74 -17.17 14.34
C VAL C 44 -4.12 -17.13 14.98
N PRO C 45 -4.19 -16.71 16.25
CA PRO C 45 -5.44 -16.60 17.02
C PRO C 45 -6.53 -15.80 16.31
N SER C 46 -7.75 -16.33 16.31
CA SER C 46 -8.84 -15.64 15.67
C SER C 46 -9.16 -14.31 16.37
N THR C 47 -8.57 -14.10 17.54
CA THR C 47 -8.79 -12.85 18.30
C THR C 47 -7.92 -11.80 17.66
N ALA C 48 -6.68 -12.17 17.40
CA ALA C 48 -5.71 -11.28 16.77
C ALA C 48 -6.20 -10.95 15.35
N ILE C 49 -6.78 -11.96 14.70
CA ILE C 49 -7.31 -11.83 13.35
C ILE C 49 -8.35 -10.72 13.30
N ARG C 50 -9.27 -10.71 14.25
CA ARG C 50 -10.30 -9.69 14.24
C ARG C 50 -9.78 -8.35 14.73
N GLU C 51 -8.95 -8.37 15.76
CA GLU C 51 -8.41 -7.12 16.29
C GLU C 51 -7.61 -6.37 15.23
N ILE C 52 -6.62 -7.04 14.64
CA ILE C 52 -5.81 -6.40 13.63
C ILE C 52 -6.62 -5.94 12.41
N SER C 53 -7.28 -6.88 11.75
CA SER C 53 -8.05 -6.59 10.56
C SER C 53 -9.12 -5.52 10.75
N LEU C 54 -9.68 -5.44 11.95
CA LEU C 54 -10.70 -4.45 12.18
C LEU C 54 -10.11 -3.10 12.59
N LEU C 55 -9.17 -3.12 13.52
CA LEU C 55 -8.57 -1.89 13.98
C LEU C 55 -7.86 -1.07 12.91
N LYS C 56 -7.07 -1.74 12.08
CA LYS C 56 -6.33 -1.03 11.04
C LYS C 56 -7.27 -0.45 9.99
N GLU C 57 -8.55 -0.46 10.31
CA GLU C 57 -9.58 0.07 9.44
C GLU C 57 -10.35 1.14 10.22
N LEU C 58 -10.08 1.20 11.52
CA LEU C 58 -10.73 2.14 12.41
C LEU C 58 -9.73 3.14 12.95
N ASN C 59 -9.32 4.09 12.13
CA ASN C 59 -8.39 5.10 12.61
C ASN C 59 -9.21 6.31 13.04
N HIS C 60 -9.17 6.56 14.35
CA HIS C 60 -9.91 7.65 14.96
C HIS C 60 -9.12 8.07 16.18
N PRO C 61 -9.17 9.36 16.55
CA PRO C 61 -8.43 9.83 17.71
C PRO C 61 -8.94 9.24 19.03
N ASN C 62 -10.15 8.69 18.99
CA ASN C 62 -10.74 8.09 20.18
C ASN C 62 -10.76 6.56 20.16
N ILE C 63 -9.89 5.97 19.33
CA ILE C 63 -9.77 4.52 19.22
C ILE C 63 -8.28 4.23 19.20
N VAL C 64 -7.73 3.77 20.33
CA VAL C 64 -6.31 3.47 20.40
C VAL C 64 -5.81 2.96 19.03
N LYS C 65 -4.73 3.55 18.55
CA LYS C 65 -4.20 3.21 17.24
C LYS C 65 -3.20 2.06 17.12
N LEU C 66 -3.44 1.21 16.13
CA LEU C 66 -2.59 0.06 15.84
C LEU C 66 -1.48 0.59 14.92
N LEU C 67 -0.25 0.61 15.43
CA LEU C 67 0.88 1.15 14.68
C LEU C 67 1.61 0.21 13.75
N ASP C 68 1.60 -1.08 14.06
CA ASP C 68 2.34 -2.02 13.23
C ASP C 68 2.15 -3.45 13.70
N VAL C 69 2.39 -4.39 12.80
CA VAL C 69 2.27 -5.79 13.12
C VAL C 69 3.54 -6.52 12.70
N ILE C 70 4.28 -7.07 13.66
CA ILE C 70 5.51 -7.79 13.34
C ILE C 70 5.20 -9.28 13.34
N HIS C 71 4.98 -9.81 12.16
CA HIS C 71 4.64 -11.22 11.97
C HIS C 71 5.86 -12.09 11.70
N THR C 72 6.50 -12.53 12.77
CA THR C 72 7.66 -13.41 12.64
C THR C 72 7.11 -14.83 12.58
N GLU C 73 8.00 -15.82 12.50
CA GLU C 73 7.58 -17.22 12.46
C GLU C 73 7.57 -17.78 13.88
N ASN C 74 8.11 -17.00 14.81
CA ASN C 74 8.19 -17.39 16.22
C ASN C 74 6.93 -16.92 16.96
N LYS C 75 6.59 -15.65 16.78
CA LYS C 75 5.40 -15.08 17.40
C LYS C 75 4.86 -13.87 16.62
N LEU C 76 3.80 -13.28 17.15
CA LEU C 76 3.15 -12.15 16.50
C LEU C 76 3.07 -10.96 17.47
N TYR C 77 3.73 -9.85 17.13
CA TYR C 77 3.69 -8.67 17.98
C TYR C 77 2.77 -7.60 17.40
N LEU C 78 1.92 -7.04 18.24
CA LEU C 78 1.02 -5.97 17.81
C LEU C 78 1.46 -4.66 18.46
N VAL C 79 2.04 -3.77 17.65
CA VAL C 79 2.52 -2.47 18.13
C VAL C 79 1.40 -1.43 18.11
N PHE C 80 1.04 -0.94 19.30
CA PHE C 80 -0.03 0.05 19.46
C PHE C 80 0.50 1.35 20.05
N GLU C 81 -0.30 2.39 19.95
CA GLU C 81 0.08 3.67 20.53
C GLU C 81 -0.08 3.38 22.02
N PHE C 82 0.67 4.07 22.88
CA PHE C 82 0.60 3.85 24.32
C PHE C 82 -0.20 4.92 25.09
N LEU C 83 -0.94 4.48 26.10
CA LEU C 83 -1.67 5.39 26.96
C LEU C 83 -1.30 5.05 28.40
N HIS C 84 -1.33 6.05 29.26
CA HIS C 84 -0.90 5.92 30.64
C HIS C 84 -1.69 5.08 31.63
N GLN C 85 -3.01 5.06 31.50
CA GLN C 85 -3.81 4.34 32.48
C GLN C 85 -5.23 4.03 32.01
N ASP C 86 -5.84 2.95 32.51
CA ASP C 86 -7.19 2.64 32.12
C ASP C 86 -8.19 3.32 33.05
N LEU C 87 -9.43 3.45 32.62
CA LEU C 87 -10.47 4.11 33.40
C LEU C 87 -10.80 3.43 34.72
N LYS C 88 -10.38 2.19 34.89
CA LYS C 88 -10.64 1.51 36.15
C LYS C 88 -9.76 2.10 37.23
N LYS C 89 -8.44 1.99 37.02
CA LYS C 89 -7.45 2.50 37.96
C LYS C 89 -7.67 3.99 38.19
N PHE C 90 -8.45 4.63 37.33
CA PHE C 90 -8.72 6.05 37.49
C PHE C 90 -9.96 6.24 38.35
N MET C 91 -10.97 5.40 38.11
CA MET C 91 -12.20 5.48 38.88
C MET C 91 -11.88 5.18 40.35
N ASP C 92 -10.99 4.22 40.58
CA ASP C 92 -10.60 3.86 41.94
C ASP C 92 -9.77 4.99 42.56
N ALA C 93 -9.02 5.68 41.71
CA ALA C 93 -8.19 6.80 42.14
C ALA C 93 -9.05 8.06 42.26
N SER C 94 -10.35 7.85 42.34
CA SER C 94 -11.31 8.94 42.48
C SER C 94 -12.54 8.39 43.21
N ALA C 95 -12.34 7.26 43.89
CA ALA C 95 -13.42 6.60 44.63
C ALA C 95 -14.02 7.52 45.67
N LEU C 96 -13.19 7.98 46.59
CA LEU C 96 -13.62 8.88 47.65
C LEU C 96 -13.88 10.27 47.08
N THR C 97 -12.82 10.88 46.57
CA THR C 97 -12.90 12.22 45.99
C THR C 97 -13.99 12.40 44.93
N GLY C 98 -14.03 11.48 43.96
CA GLY C 98 -15.00 11.57 42.89
C GLY C 98 -14.34 12.07 41.61
N ILE C 99 -15.11 12.16 40.53
CA ILE C 99 -14.56 12.64 39.28
C ILE C 99 -15.35 13.85 38.83
N PRO C 100 -14.65 14.99 38.65
CA PRO C 100 -15.31 16.23 38.23
C PRO C 100 -16.24 16.04 37.03
N LEU C 101 -17.52 16.39 37.22
CA LEU C 101 -18.49 16.26 36.15
C LEU C 101 -18.02 16.83 34.83
N PRO C 102 -17.34 18.00 34.85
CA PRO C 102 -16.90 18.51 33.55
C PRO C 102 -16.04 17.47 32.81
N LEU C 103 -15.19 16.76 33.55
CA LEU C 103 -14.34 15.74 32.96
C LEU C 103 -15.21 14.60 32.46
N ILE C 104 -16.04 14.06 33.34
CA ILE C 104 -16.94 12.97 32.99
C ILE C 104 -17.63 13.26 31.66
N LYS C 105 -18.21 14.45 31.55
CA LYS C 105 -18.92 14.83 30.33
C LYS C 105 -18.02 14.69 29.11
N SER C 106 -16.79 15.19 29.22
CA SER C 106 -15.84 15.12 28.12
C SER C 106 -15.58 13.67 27.73
N TYR C 107 -15.35 12.84 28.74
CA TYR C 107 -15.09 11.43 28.56
C TYR C 107 -16.20 10.70 27.83
N LEU C 108 -17.43 10.81 28.32
CA LEU C 108 -18.55 10.15 27.68
C LEU C 108 -18.72 10.66 26.25
N PHE C 109 -18.40 11.93 26.06
CA PHE C 109 -18.51 12.56 24.75
C PHE C 109 -17.50 11.95 23.81
N GLN C 110 -16.25 11.90 24.26
CA GLN C 110 -15.18 11.31 23.48
C GLN C 110 -15.53 9.85 23.18
N LEU C 111 -15.77 9.08 24.24
CA LEU C 111 -16.13 7.67 24.11
C LEU C 111 -17.22 7.47 23.05
N LEU C 112 -18.23 8.33 23.05
CA LEU C 112 -19.30 8.20 22.08
C LEU C 112 -18.82 8.46 20.67
N GLN C 113 -17.85 9.35 20.52
CA GLN C 113 -17.32 9.63 19.19
C GLN C 113 -16.61 8.41 18.65
N GLY C 114 -15.65 7.87 19.43
CA GLY C 114 -14.94 6.69 19.00
C GLY C 114 -15.87 5.52 18.73
N LEU C 115 -17.01 5.49 19.41
CA LEU C 115 -17.95 4.41 19.22
C LEU C 115 -18.84 4.63 18.02
N ALA C 116 -19.09 5.89 17.70
CA ALA C 116 -19.93 6.20 16.55
C ALA C 116 -19.15 5.77 15.32
N PHE C 117 -17.82 5.87 15.42
CA PHE C 117 -16.95 5.49 14.32
C PHE C 117 -17.12 3.99 14.09
N CYS C 118 -16.77 3.20 15.10
CA CYS C 118 -16.90 1.75 15.02
C CYS C 118 -18.24 1.33 14.40
N HIS C 119 -19.32 1.96 14.86
CA HIS C 119 -20.65 1.63 14.37
C HIS C 119 -20.93 2.02 12.92
N SER C 120 -20.42 3.16 12.50
CA SER C 120 -20.63 3.61 11.13
C SER C 120 -19.71 2.82 10.19
N HIS C 121 -18.77 2.09 10.78
CA HIS C 121 -17.84 1.28 10.02
C HIS C 121 -18.12 -0.19 10.32
N ARG C 122 -19.40 -0.48 10.54
CA ARG C 122 -19.89 -1.83 10.83
C ARG C 122 -19.01 -2.67 11.78
N VAL C 123 -18.67 -2.11 12.93
CA VAL C 123 -17.85 -2.82 13.92
C VAL C 123 -18.39 -2.69 15.34
N LEU C 124 -18.66 -3.83 15.97
CA LEU C 124 -19.15 -3.85 17.35
C LEU C 124 -17.98 -4.15 18.27
N HIS C 125 -17.87 -3.41 19.37
CA HIS C 125 -16.79 -3.67 20.32
C HIS C 125 -17.16 -4.89 21.16
N ARG C 126 -18.38 -4.90 21.69
CA ARG C 126 -18.92 -5.99 22.50
C ARG C 126 -18.33 -6.23 23.88
N ASP C 127 -17.26 -5.54 24.23
CA ASP C 127 -16.66 -5.74 25.52
C ASP C 127 -16.27 -4.42 26.14
N LEU C 128 -17.14 -3.43 25.96
CA LEU C 128 -16.90 -2.11 26.51
C LEU C 128 -16.98 -2.15 28.04
N LYS C 129 -15.85 -1.88 28.69
CA LYS C 129 -15.78 -1.89 30.14
C LYS C 129 -14.62 -1.00 30.55
N PRO C 130 -14.69 -0.42 31.78
CA PRO C 130 -13.64 0.47 32.29
C PRO C 130 -12.20 0.05 32.01
N GLN C 131 -11.85 -1.20 32.25
CA GLN C 131 -10.50 -1.68 32.01
C GLN C 131 -10.06 -1.59 30.55
N ASN C 132 -11.04 -1.48 29.63
CA ASN C 132 -10.74 -1.39 28.20
C ASN C 132 -10.73 0.04 27.66
N LEU C 133 -11.02 1.03 28.50
CA LEU C 133 -11.01 2.41 28.06
C LEU C 133 -9.73 3.07 28.57
N LEU C 134 -8.88 3.54 27.66
CA LEU C 134 -7.63 4.16 28.05
C LEU C 134 -7.69 5.68 28.07
N ILE C 135 -6.90 6.28 28.96
CA ILE C 135 -6.82 7.73 29.10
C ILE C 135 -5.37 8.16 29.28
N ASN C 136 -5.03 9.31 28.72
CA ASN C 136 -3.68 9.84 28.79
C ASN C 136 -3.68 11.08 29.66
N THR C 137 -2.50 11.63 29.89
CA THR C 137 -2.38 12.82 30.72
C THR C 137 -2.89 14.10 30.05
N GLU C 138 -3.34 13.99 28.80
CA GLU C 138 -3.86 15.14 28.07
C GLU C 138 -5.37 15.30 28.26
N GLY C 139 -5.97 14.37 28.98
CA GLY C 139 -7.40 14.43 29.20
C GLY C 139 -8.18 13.77 28.08
N ALA C 140 -7.59 12.75 27.49
CA ALA C 140 -8.24 12.02 26.39
C ALA C 140 -8.54 10.58 26.79
N ILE C 141 -9.63 10.05 26.26
CA ILE C 141 -10.00 8.68 26.54
C ILE C 141 -10.26 7.99 25.18
N LYS C 142 -9.75 6.77 25.03
CA LYS C 142 -9.90 6.03 23.78
C LYS C 142 -10.35 4.57 23.96
N LEU C 143 -11.07 4.04 22.97
CA LEU C 143 -11.52 2.65 23.02
C LEU C 143 -10.31 1.74 22.77
N ALA C 144 -10.20 0.65 23.52
CA ALA C 144 -9.09 -0.28 23.34
C ALA C 144 -9.55 -1.73 23.40
N ASP C 145 -8.61 -2.64 23.12
CA ASP C 145 -8.84 -4.08 23.11
C ASP C 145 -10.07 -4.52 22.32
N PHE C 146 -9.84 -4.78 21.03
CA PHE C 146 -10.92 -5.21 20.15
C PHE C 146 -10.85 -6.73 19.91
N GLY C 147 -10.28 -7.44 20.87
CA GLY C 147 -10.17 -8.89 20.74
C GLY C 147 -11.51 -9.56 20.49
N LEU C 148 -12.58 -8.96 21.02
CA LEU C 148 -13.92 -9.51 20.85
C LEU C 148 -14.74 -8.73 19.84
N ALA C 149 -14.07 -7.90 19.06
CA ALA C 149 -14.75 -7.06 18.06
C ALA C 149 -15.25 -7.92 16.91
N ARG C 150 -16.35 -7.49 16.31
CA ARG C 150 -16.94 -8.23 15.20
C ARG C 150 -17.58 -7.24 14.24
N ALA C 151 -17.47 -7.55 12.96
CA ALA C 151 -18.04 -6.69 11.94
C ALA C 151 -19.42 -7.21 11.61
N PHE C 152 -20.42 -6.33 11.49
CA PHE C 152 -21.74 -6.83 11.10
C PHE C 152 -21.87 -6.74 9.58
N GLY C 153 -22.95 -6.20 9.04
CA GLY C 153 -23.08 -6.18 7.60
C GLY C 153 -23.89 -7.42 7.33
N VAL C 154 -23.54 -8.43 8.11
CA VAL C 154 -24.21 -9.71 8.16
C VAL C 154 -24.34 -9.73 9.67
N PRO C 155 -25.56 -9.83 10.19
CA PRO C 155 -25.81 -9.84 11.64
C PRO C 155 -24.92 -10.80 12.42
N VAL C 156 -24.58 -10.40 13.64
CA VAL C 156 -23.74 -11.21 14.50
C VAL C 156 -24.59 -12.03 15.47
N ARG C 157 -24.45 -13.35 15.41
CA ARG C 157 -25.19 -14.24 16.30
C ARG C 157 -24.60 -14.25 17.70
N THR C 158 -25.48 -14.21 18.69
CA THR C 158 -25.06 -14.19 20.08
C THR C 158 -24.47 -15.51 20.51
N TYR C 159 -23.29 -15.44 21.13
CA TYR C 159 -22.61 -16.61 21.64
C TYR C 159 -23.59 -17.47 22.43
N THR C 160 -23.54 -18.78 22.19
CA THR C 160 -24.42 -19.68 22.92
C THR C 160 -24.07 -19.59 24.42
N HIS C 161 -22.86 -19.10 24.69
CA HIS C 161 -22.36 -18.92 26.04
C HIS C 161 -21.68 -17.56 26.16
N GLU C 162 -22.45 -16.59 26.65
CA GLU C 162 -21.99 -15.21 26.81
C GLU C 162 -20.55 -15.04 27.31
N VAL C 163 -19.83 -14.11 26.69
CA VAL C 163 -18.45 -13.81 27.06
C VAL C 163 -18.32 -12.40 27.63
N VAL C 164 -19.22 -11.52 27.18
CA VAL C 164 -19.28 -10.12 27.63
C VAL C 164 -19.23 -10.06 29.18
N THR C 165 -18.47 -9.12 29.73
CA THR C 165 -18.40 -8.99 31.20
C THR C 165 -19.81 -8.77 31.74
N LEU C 166 -20.27 -9.70 32.57
CA LEU C 166 -21.61 -9.67 33.13
C LEU C 166 -22.24 -8.35 33.55
N TRP C 167 -21.54 -7.53 34.32
CA TRP C 167 -22.12 -6.26 34.77
C TRP C 167 -22.61 -5.34 33.67
N TYR C 168 -21.78 -5.13 32.66
CA TYR C 168 -22.14 -4.23 31.57
C TYR C 168 -22.93 -4.88 30.45
N ARG C 169 -23.43 -6.09 30.69
CA ARG C 169 -24.20 -6.81 29.67
C ARG C 169 -25.60 -6.25 29.56
N ALA C 170 -26.09 -6.15 28.31
CA ALA C 170 -27.41 -5.60 28.01
C ALA C 170 -28.57 -6.53 28.31
N PRO C 171 -29.74 -5.96 28.65
CA PRO C 171 -30.93 -6.75 28.96
C PRO C 171 -31.37 -7.74 27.89
N GLU C 172 -31.34 -7.33 26.62
CA GLU C 172 -31.79 -8.24 25.56
C GLU C 172 -30.89 -9.46 25.41
N ILE C 173 -29.61 -9.33 25.72
CA ILE C 173 -28.69 -10.45 25.61
C ILE C 173 -29.03 -11.47 26.69
N LEU C 174 -29.32 -10.97 27.90
CA LEU C 174 -29.69 -11.82 29.02
C LEU C 174 -30.98 -12.56 28.71
N LEU C 175 -31.95 -11.84 28.15
CA LEU C 175 -33.24 -12.43 27.80
C LEU C 175 -33.09 -13.37 26.60
N GLY C 176 -31.83 -13.65 26.23
CA GLY C 176 -31.53 -14.55 25.12
C GLY C 176 -31.96 -14.15 23.72
N CYS C 177 -31.39 -13.08 23.18
CA CYS C 177 -31.75 -12.66 21.82
C CYS C 177 -30.79 -13.32 20.84
N LYS C 178 -31.27 -13.56 19.63
CA LYS C 178 -30.50 -14.22 18.57
C LYS C 178 -29.23 -13.48 18.10
N TYR C 179 -29.29 -12.16 17.96
CA TYR C 179 -28.13 -11.40 17.50
C TYR C 179 -27.76 -10.19 18.36
N TYR C 180 -26.51 -9.75 18.24
CA TYR C 180 -26.04 -8.56 18.94
C TYR C 180 -26.45 -7.40 18.05
N SER C 181 -26.37 -6.19 18.58
CA SER C 181 -26.73 -5.01 17.80
C SER C 181 -25.79 -3.94 18.28
N THR C 182 -26.00 -2.71 17.83
CA THR C 182 -25.15 -1.61 18.27
C THR C 182 -25.60 -1.18 19.66
N ALA C 183 -26.84 -1.54 20.01
CA ALA C 183 -27.40 -1.21 21.30
C ALA C 183 -26.64 -1.83 22.45
N VAL C 184 -26.04 -3.00 22.23
CA VAL C 184 -25.28 -3.62 23.31
C VAL C 184 -24.13 -2.71 23.72
N ASP C 185 -23.49 -2.06 22.76
CA ASP C 185 -22.38 -1.16 23.07
C ASP C 185 -22.84 0.10 23.80
N ILE C 186 -24.01 0.61 23.42
CA ILE C 186 -24.53 1.81 24.04
C ILE C 186 -24.90 1.50 25.49
N TRP C 187 -25.47 0.33 25.71
CA TRP C 187 -25.84 -0.07 27.07
C TRP C 187 -24.58 0.00 27.95
N SER C 188 -23.52 -0.70 27.56
CA SER C 188 -22.29 -0.67 28.34
C SER C 188 -21.88 0.77 28.65
N LEU C 189 -21.93 1.64 27.64
CA LEU C 189 -21.54 3.03 27.84
C LEU C 189 -22.42 3.71 28.87
N GLY C 190 -23.71 3.36 28.85
CA GLY C 190 -24.63 3.93 29.81
C GLY C 190 -24.18 3.50 31.20
N CYS C 191 -23.96 2.20 31.36
CA CYS C 191 -23.52 1.66 32.64
C CYS C 191 -22.22 2.33 33.06
N ILE C 192 -21.32 2.53 32.11
CA ILE C 192 -20.05 3.16 32.44
C ILE C 192 -20.24 4.65 32.72
N PHE C 193 -21.29 5.25 32.13
CA PHE C 193 -21.58 6.66 32.36
C PHE C 193 -21.96 6.80 33.84
N ALA C 194 -23.03 6.15 34.22
CA ALA C 194 -23.52 6.19 35.60
C ALA C 194 -22.40 5.85 36.58
N GLU C 195 -21.65 4.79 36.30
CA GLU C 195 -20.58 4.38 37.18
C GLU C 195 -19.60 5.51 37.50
N MET C 196 -19.25 6.33 36.52
CA MET C 196 -18.32 7.43 36.76
C MET C 196 -18.97 8.47 37.69
N VAL C 197 -20.30 8.51 37.67
CA VAL C 197 -21.06 9.44 38.49
C VAL C 197 -21.25 8.95 39.93
N THR C 198 -21.73 7.72 40.08
CA THR C 198 -21.98 7.15 41.40
C THR C 198 -20.79 6.34 41.92
N ARG C 199 -19.62 6.57 41.35
CA ARG C 199 -18.41 5.85 41.75
C ARG C 199 -18.63 4.38 42.11
N ARG C 200 -19.67 3.78 41.54
CA ARG C 200 -19.97 2.38 41.81
C ARG C 200 -20.69 1.72 40.63
N ALA C 201 -20.43 0.43 40.44
CA ALA C 201 -21.05 -0.32 39.35
C ALA C 201 -22.57 -0.22 39.41
N LEU C 202 -23.19 0.05 38.27
CA LEU C 202 -24.64 0.19 38.21
C LEU C 202 -25.36 -1.12 38.50
N PHE C 203 -25.00 -2.17 37.79
CA PHE C 203 -25.64 -3.47 38.01
C PHE C 203 -24.60 -4.55 38.23
N PRO C 204 -24.11 -4.68 39.48
CA PRO C 204 -23.11 -5.65 39.91
C PRO C 204 -23.63 -7.08 40.12
N GLY C 205 -24.40 -7.59 39.15
CA GLY C 205 -24.95 -8.93 39.26
C GLY C 205 -23.99 -9.99 39.76
N ASP C 206 -24.54 -11.08 40.29
CA ASP C 206 -23.73 -12.19 40.81
C ASP C 206 -23.99 -13.41 39.94
N SER C 207 -25.02 -13.32 39.11
CA SER C 207 -25.40 -14.39 38.20
C SER C 207 -26.20 -13.73 37.09
N GLU C 208 -26.44 -14.45 36.00
CA GLU C 208 -27.21 -13.88 34.92
C GLU C 208 -28.55 -13.41 35.45
N ILE C 209 -29.25 -14.32 36.09
CA ILE C 209 -30.56 -14.02 36.65
C ILE C 209 -30.51 -12.84 37.63
N ASP C 210 -29.45 -12.74 38.42
CA ASP C 210 -29.35 -11.63 39.36
C ASP C 210 -29.12 -10.34 38.58
N GLN C 211 -28.28 -10.42 37.56
CA GLN C 211 -27.98 -9.26 36.71
C GLN C 211 -29.29 -8.67 36.21
N LEU C 212 -30.08 -9.51 35.55
CA LEU C 212 -31.35 -9.07 35.02
C LEU C 212 -32.17 -8.33 36.09
N PHE C 213 -32.58 -9.04 37.13
CA PHE C 213 -33.38 -8.47 38.20
C PHE C 213 -32.84 -7.17 38.75
N ARG C 214 -31.52 -7.02 38.78
CA ARG C 214 -30.93 -5.78 39.28
C ARG C 214 -31.38 -4.65 38.36
N ILE C 215 -31.44 -4.96 37.06
CA ILE C 215 -31.87 -3.99 36.06
C ILE C 215 -33.34 -3.69 36.28
N PHE C 216 -34.13 -4.76 36.39
CA PHE C 216 -35.55 -4.61 36.64
C PHE C 216 -35.81 -3.74 37.85
N ARG C 217 -35.12 -4.02 38.95
CA ARG C 217 -35.29 -3.25 40.19
C ARG C 217 -35.04 -1.76 40.03
N THR C 218 -34.05 -1.39 39.23
CA THR C 218 -33.72 0.02 39.04
C THR C 218 -34.45 0.68 37.87
N LEU C 219 -34.71 -0.07 36.80
CA LEU C 219 -35.38 0.52 35.63
C LEU C 219 -36.83 0.08 35.46
N GLY C 220 -37.28 -0.82 36.33
CA GLY C 220 -38.65 -1.31 36.23
C GLY C 220 -38.71 -2.52 35.33
N THR C 221 -39.63 -3.44 35.62
CA THR C 221 -39.78 -4.65 34.82
C THR C 221 -40.45 -4.38 33.46
N PRO C 222 -39.72 -4.65 32.37
CA PRO C 222 -40.24 -4.43 31.02
C PRO C 222 -41.49 -5.24 30.73
N ASP C 223 -42.38 -4.64 29.93
CA ASP C 223 -43.62 -5.27 29.51
C ASP C 223 -43.80 -5.08 28.01
N GLU C 224 -44.85 -5.68 27.44
CA GLU C 224 -45.10 -5.60 26.00
C GLU C 224 -45.30 -4.16 25.50
N VAL C 225 -45.65 -3.25 26.40
CA VAL C 225 -45.87 -1.86 26.02
C VAL C 225 -44.54 -1.11 25.91
N VAL C 226 -43.73 -1.18 26.96
CA VAL C 226 -42.45 -0.49 26.97
C VAL C 226 -41.41 -1.20 26.11
N TRP C 227 -41.69 -2.46 25.80
CA TRP C 227 -40.75 -3.23 25.01
C TRP C 227 -41.50 -4.28 24.21
N PRO C 228 -42.09 -3.87 23.08
CA PRO C 228 -42.83 -4.81 22.24
C PRO C 228 -42.03 -6.08 21.96
N GLY C 229 -42.63 -7.23 22.24
CA GLY C 229 -41.97 -8.51 21.99
C GLY C 229 -41.16 -9.11 23.12
N VAL C 230 -40.85 -8.32 24.15
CA VAL C 230 -40.06 -8.80 25.28
C VAL C 230 -40.66 -10.06 25.90
N THR C 231 -41.98 -10.15 25.87
CA THR C 231 -42.70 -11.30 26.42
C THR C 231 -42.49 -12.57 25.62
N SER C 232 -42.25 -12.42 24.33
CA SER C 232 -42.04 -13.58 23.46
C SER C 232 -40.58 -14.00 23.48
N MET C 233 -39.71 -13.12 23.97
CA MET C 233 -38.28 -13.43 24.01
C MET C 233 -38.01 -14.76 24.69
N PRO C 234 -36.97 -15.47 24.22
CA PRO C 234 -36.54 -16.79 24.70
C PRO C 234 -36.49 -17.01 26.21
N ASP C 235 -35.50 -16.42 26.86
CA ASP C 235 -35.34 -16.60 28.29
C ASP C 235 -36.15 -15.68 29.19
N TYR C 236 -37.26 -15.17 28.67
CA TYR C 236 -38.13 -14.32 29.47
C TYR C 236 -39.11 -15.27 30.15
N LYS C 237 -39.57 -14.90 31.35
CA LYS C 237 -40.53 -15.74 32.08
C LYS C 237 -41.67 -14.89 32.60
N PRO C 238 -42.92 -15.32 32.37
CA PRO C 238 -44.10 -14.58 32.84
C PRO C 238 -44.10 -14.49 34.35
N SER C 239 -43.29 -15.34 34.97
CA SER C 239 -43.17 -15.38 36.42
C SER C 239 -42.07 -14.45 36.88
N PHE C 240 -42.00 -13.27 36.28
CA PHE C 240 -40.99 -12.29 36.66
C PHE C 240 -41.65 -11.27 37.58
N PRO C 241 -41.05 -11.02 38.74
CA PRO C 241 -41.66 -10.04 39.66
C PRO C 241 -41.81 -8.68 38.97
N LYS C 242 -42.99 -8.07 39.08
CA LYS C 242 -43.19 -6.77 38.46
C LYS C 242 -42.62 -5.69 39.38
N TRP C 243 -41.41 -5.24 39.06
CA TRP C 243 -40.78 -4.19 39.84
C TRP C 243 -41.13 -2.88 39.15
N ALA C 244 -41.19 -1.81 39.92
CA ALA C 244 -41.51 -0.50 39.35
C ALA C 244 -40.24 0.26 39.10
N ARG C 245 -40.25 1.08 38.05
CA ARG C 245 -39.10 1.88 37.68
C ARG C 245 -38.83 2.88 38.80
N GLN C 246 -37.55 3.20 39.03
CA GLN C 246 -37.19 4.15 40.07
C GLN C 246 -37.02 5.56 39.51
N ASP C 247 -36.57 6.48 40.36
CA ASP C 247 -36.40 7.85 39.93
C ASP C 247 -34.92 8.16 39.80
N PHE C 248 -34.51 8.51 38.59
CA PHE C 248 -33.12 8.83 38.28
C PHE C 248 -32.48 9.83 39.22
N SER C 249 -33.32 10.59 39.93
CA SER C 249 -32.81 11.57 40.87
C SER C 249 -32.10 10.76 41.94
N LYS C 250 -32.64 9.57 42.21
CA LYS C 250 -32.10 8.65 43.20
C LYS C 250 -30.98 7.80 42.61
N VAL C 251 -31.20 7.27 41.41
CA VAL C 251 -30.21 6.45 40.74
C VAL C 251 -28.92 7.24 40.54
N VAL C 252 -29.04 8.42 39.96
CA VAL C 252 -27.88 9.28 39.74
C VAL C 252 -28.11 10.70 40.26
N PRO C 253 -27.81 10.94 41.54
CA PRO C 253 -27.98 12.25 42.17
C PRO C 253 -27.09 13.35 41.59
N PRO C 254 -25.77 13.10 41.51
CA PRO C 254 -24.89 14.14 40.97
C PRO C 254 -25.29 14.65 39.58
N LEU C 255 -26.04 13.84 38.84
CA LEU C 255 -26.44 14.22 37.48
C LEU C 255 -27.51 15.30 37.44
N ASP C 256 -27.25 16.30 36.59
CA ASP C 256 -28.18 17.41 36.40
C ASP C 256 -29.36 17.00 35.54
N GLU C 257 -30.05 17.99 34.99
CA GLU C 257 -31.21 17.76 34.15
C GLU C 257 -30.90 16.85 32.96
N ASP C 258 -30.18 17.40 31.99
CA ASP C 258 -29.80 16.68 30.77
C ASP C 258 -29.21 15.30 31.06
N GLY C 259 -28.18 15.27 31.89
CA GLY C 259 -27.54 14.02 32.25
C GLY C 259 -28.55 12.89 32.40
N ARG C 260 -29.39 12.98 33.42
CA ARG C 260 -30.37 11.93 33.63
C ARG C 260 -31.11 11.58 32.33
N SER C 261 -31.43 12.59 31.52
CA SER C 261 -32.13 12.36 30.25
C SER C 261 -31.33 11.50 29.29
N LEU C 262 -30.08 11.87 29.05
CA LEU C 262 -29.23 11.10 28.16
C LEU C 262 -29.15 9.67 28.69
N LEU C 263 -28.56 9.52 29.87
CA LEU C 263 -28.40 8.22 30.52
C LEU C 263 -29.64 7.35 30.41
N SER C 264 -30.80 7.99 30.45
CA SER C 264 -32.07 7.29 30.36
C SER C 264 -32.26 6.65 28.99
N GLN C 265 -31.93 7.41 27.94
CA GLN C 265 -32.05 6.92 26.57
C GLN C 265 -31.01 5.82 26.31
N MET C 266 -29.82 5.97 26.88
CA MET C 266 -28.77 4.99 26.72
C MET C 266 -29.18 3.65 27.35
N LEU C 267 -30.06 3.72 28.36
CA LEU C 267 -30.51 2.50 29.04
C LEU C 267 -31.92 2.10 28.68
N HIS C 268 -32.41 2.58 27.55
CA HIS C 268 -33.76 2.24 27.11
C HIS C 268 -33.87 0.71 27.00
N TYR C 269 -35.06 0.15 27.25
CA TYR C 269 -35.20 -1.30 27.16
C TYR C 269 -35.14 -1.82 25.73
N ASP C 270 -36.15 -1.50 24.94
CA ASP C 270 -36.17 -1.94 23.54
C ASP C 270 -34.91 -1.45 22.84
N PRO C 271 -34.01 -2.37 22.47
CA PRO C 271 -32.77 -1.98 21.80
C PRO C 271 -33.00 -1.29 20.44
N ASN C 272 -34.25 -1.24 19.99
CA ASN C 272 -34.54 -0.59 18.73
C ASN C 272 -34.80 0.90 18.95
N LYS C 273 -34.90 1.29 20.20
CA LYS C 273 -35.14 2.68 20.55
C LYS C 273 -34.06 3.24 21.46
N ARG C 274 -33.05 2.41 21.76
CA ARG C 274 -31.96 2.86 22.61
C ARG C 274 -31.15 3.88 21.79
N ILE C 275 -31.11 5.13 22.25
CA ILE C 275 -30.39 6.19 21.55
C ILE C 275 -29.08 5.70 20.96
N SER C 276 -28.82 6.06 19.69
CA SER C 276 -27.59 5.64 19.03
C SER C 276 -26.41 6.48 19.47
N ALA C 277 -25.21 5.98 19.21
CA ALA C 277 -24.01 6.71 19.59
C ALA C 277 -24.02 8.07 18.89
N LYS C 278 -24.35 8.05 17.61
CA LYS C 278 -24.39 9.25 16.79
C LYS C 278 -25.35 10.28 17.38
N ALA C 279 -26.59 9.83 17.67
CA ALA C 279 -27.61 10.68 18.24
C ALA C 279 -27.22 11.20 19.63
N ALA C 280 -26.64 10.33 20.45
CA ALA C 280 -26.22 10.71 21.78
C ALA C 280 -25.26 11.91 21.74
N LEU C 281 -24.48 12.01 20.67
CA LEU C 281 -23.53 13.11 20.52
C LEU C 281 -24.25 14.45 20.41
N ALA C 282 -25.45 14.42 19.83
CA ALA C 282 -26.25 15.63 19.64
C ALA C 282 -27.20 15.91 20.81
N HIS C 283 -26.97 15.26 21.94
CA HIS C 283 -27.82 15.45 23.10
C HIS C 283 -27.42 16.71 23.87
N PRO C 284 -28.41 17.50 24.29
CA PRO C 284 -28.20 18.75 25.04
C PRO C 284 -27.07 18.68 26.05
N PHE C 285 -27.04 17.58 26.81
CA PHE C 285 -26.02 17.38 27.83
C PHE C 285 -24.61 17.78 27.38
N PHE C 286 -24.34 17.65 26.08
CA PHE C 286 -23.01 17.95 25.54
C PHE C 286 -22.77 19.34 24.94
N GLN C 287 -23.73 20.26 25.07
CA GLN C 287 -23.55 21.60 24.51
C GLN C 287 -22.42 22.40 25.14
N ASP C 288 -22.20 22.21 26.43
CA ASP C 288 -21.15 22.91 27.16
C ASP C 288 -19.86 22.11 27.22
N VAL C 289 -19.89 20.89 26.68
CA VAL C 289 -18.74 20.01 26.70
C VAL C 289 -17.40 20.72 26.52
N THR C 290 -16.43 20.32 27.32
CA THR C 290 -15.09 20.88 27.29
C THR C 290 -14.11 19.72 27.42
N LYS C 291 -12.82 20.00 27.36
CA LYS C 291 -11.84 18.93 27.50
C LYS C 291 -10.87 19.17 28.66
N PRO C 292 -11.30 18.85 29.88
CA PRO C 292 -10.49 19.00 31.10
C PRO C 292 -9.28 18.05 31.10
N VAL C 293 -8.15 18.50 31.66
CA VAL C 293 -6.93 17.69 31.72
C VAL C 293 -6.61 17.27 33.16
N PRO C 294 -7.06 16.08 33.57
CA PRO C 294 -6.83 15.58 34.92
C PRO C 294 -5.39 15.14 35.21
N HIS C 295 -5.16 14.77 36.46
CA HIS C 295 -3.85 14.30 36.90
C HIS C 295 -4.01 12.81 37.18
N LEU C 296 -3.14 12.00 36.59
CA LEU C 296 -3.22 10.54 36.75
C LEU C 296 -2.44 10.03 37.95
N ARG C 297 -3.02 9.03 38.62
CA ARG C 297 -2.42 8.40 39.79
C ARG C 297 -0.94 8.08 39.57
N LEU C 298 -0.66 6.97 38.91
CA LEU C 298 0.72 6.58 38.63
C LEU C 298 1.30 7.45 37.51
N ASN D 1 -25.77 -3.77 14.81
CA ASN D 1 -26.65 -3.15 13.77
C ASN D 1 -27.80 -2.32 14.34
N GLU D 2 -28.33 -1.44 13.49
CA GLU D 2 -29.45 -0.57 13.84
C GLU D 2 -29.97 0.18 12.60
N VAL D 3 -31.21 -0.13 12.23
CA VAL D 3 -31.85 0.45 11.05
C VAL D 3 -32.15 1.96 11.03
N PRO D 4 -32.12 2.64 12.20
CA PRO D 4 -32.41 4.08 12.15
C PRO D 4 -31.24 5.04 11.95
N ASP D 5 -30.01 4.62 12.24
CA ASP D 5 -28.88 5.55 12.15
C ASP D 5 -27.74 5.22 11.20
N TYR D 6 -27.03 4.16 11.50
CA TYR D 6 -25.87 3.76 10.72
C TYR D 6 -26.09 2.93 9.46
N HIS D 7 -27.33 2.56 9.13
CA HIS D 7 -27.53 1.75 7.92
C HIS D 7 -27.11 2.41 6.61
N GLU D 8 -27.17 3.73 6.55
CA GLU D 8 -26.79 4.41 5.32
C GLU D 8 -25.28 4.67 5.39
N ASP D 9 -24.80 4.85 6.61
CA ASP D 9 -23.37 5.09 6.84
C ASP D 9 -22.59 3.87 6.43
N ILE D 10 -23.06 2.71 6.87
CA ILE D 10 -22.44 1.41 6.59
C ILE D 10 -22.53 1.04 5.12
N HIS D 11 -23.73 1.12 4.55
CA HIS D 11 -23.92 0.78 3.15
C HIS D 11 -22.95 1.61 2.32
N THR D 12 -22.78 2.86 2.73
CA THR D 12 -21.87 3.76 2.04
C THR D 12 -20.44 3.30 2.26
N TYR D 13 -20.13 2.86 3.47
CA TYR D 13 -18.78 2.39 3.78
C TYR D 13 -18.49 1.10 3.03
N LEU D 14 -19.51 0.26 2.88
CA LEU D 14 -19.35 -1.00 2.18
C LEU D 14 -19.08 -0.74 0.71
N ARG D 15 -19.93 0.08 0.10
CA ARG D 15 -19.80 0.43 -1.31
C ARG D 15 -18.39 0.94 -1.56
N GLU D 16 -17.89 1.73 -0.64
CA GLU D 16 -16.55 2.29 -0.76
C GLU D 16 -15.50 1.20 -0.59
N MET D 17 -15.70 0.36 0.42
CA MET D 17 -14.78 -0.72 0.70
C MET D 17 -14.74 -1.83 -0.33
N GLU D 18 -15.89 -2.17 -0.91
CA GLU D 18 -15.94 -3.24 -1.89
C GLU D 18 -14.99 -2.93 -3.05
N VAL D 19 -14.91 -1.65 -3.39
CA VAL D 19 -14.03 -1.19 -4.46
C VAL D 19 -12.58 -1.44 -4.12
N LYS D 20 -12.24 -1.24 -2.85
CA LYS D 20 -10.87 -1.45 -2.41
C LYS D 20 -10.53 -2.93 -2.18
N CYS D 21 -11.36 -3.63 -1.42
CA CYS D 21 -11.06 -5.03 -1.13
C CYS D 21 -11.45 -6.00 -2.27
N LYS D 22 -11.40 -5.51 -3.52
CA LYS D 22 -11.73 -6.32 -4.71
C LYS D 22 -10.48 -6.80 -5.47
N PRO D 23 -10.58 -7.93 -6.22
CA PRO D 23 -9.45 -8.50 -6.97
C PRO D 23 -9.29 -8.00 -8.40
N LYS D 24 -8.11 -8.23 -8.97
CA LYS D 24 -7.80 -7.84 -10.34
C LYS D 24 -8.60 -8.75 -11.27
N VAL D 25 -9.43 -8.16 -12.12
CA VAL D 25 -10.26 -8.95 -13.02
C VAL D 25 -9.53 -9.96 -13.90
N GLY D 26 -8.59 -9.48 -14.73
CA GLY D 26 -7.90 -10.41 -15.60
C GLY D 26 -6.71 -11.11 -14.98
N TYR D 27 -6.86 -11.63 -13.77
CA TYR D 27 -5.73 -12.27 -13.12
C TYR D 27 -5.49 -13.72 -13.54
N MET D 28 -6.56 -14.45 -13.83
CA MET D 28 -6.39 -15.84 -14.21
C MET D 28 -5.59 -15.98 -15.48
N LYS D 29 -5.79 -15.03 -16.38
CA LYS D 29 -5.09 -15.04 -17.66
C LYS D 29 -3.57 -14.88 -17.45
N LYS D 30 -3.17 -14.44 -16.27
CA LYS D 30 -1.76 -14.27 -15.96
C LYS D 30 -1.27 -15.38 -15.03
N GLN D 31 -2.17 -16.27 -14.62
CA GLN D 31 -1.79 -17.41 -13.79
C GLN D 31 -1.39 -18.48 -14.79
N PRO D 32 -0.09 -18.69 -14.97
CA PRO D 32 0.37 -19.70 -15.93
C PRO D 32 -0.06 -21.16 -15.78
N ASP D 33 -0.26 -21.64 -14.55
CA ASP D 33 -0.62 -23.05 -14.37
C ASP D 33 -2.05 -23.35 -13.95
N ILE D 34 -2.82 -22.35 -13.55
CA ILE D 34 -4.18 -22.64 -13.16
C ILE D 34 -5.16 -21.89 -14.03
N THR D 35 -6.42 -22.31 -13.98
CA THR D 35 -7.47 -21.75 -14.80
C THR D 35 -8.77 -21.59 -14.03
N ASN D 36 -9.74 -20.95 -14.65
CA ASN D 36 -11.04 -20.74 -14.03
C ASN D 36 -11.72 -22.06 -13.72
N SER D 37 -11.48 -23.06 -14.56
CA SER D 37 -12.07 -24.38 -14.37
C SER D 37 -11.58 -24.94 -13.03
N MET D 38 -10.27 -24.84 -12.79
CA MET D 38 -9.72 -25.34 -11.53
C MET D 38 -10.31 -24.57 -10.37
N ARG D 39 -10.47 -23.26 -10.56
CA ARG D 39 -11.04 -22.38 -9.54
C ARG D 39 -12.46 -22.83 -9.22
N ALA D 40 -13.28 -23.00 -10.26
CA ALA D 40 -14.66 -23.44 -10.10
C ALA D 40 -14.72 -24.70 -9.22
N ILE D 41 -13.81 -25.63 -9.48
CA ILE D 41 -13.73 -26.86 -8.71
C ILE D 41 -13.38 -26.57 -7.26
N LEU D 42 -12.40 -25.69 -7.05
CA LEU D 42 -11.99 -25.33 -5.69
C LEU D 42 -13.15 -24.72 -4.91
N VAL D 43 -13.81 -23.74 -5.49
CA VAL D 43 -14.94 -23.10 -4.82
C VAL D 43 -16.03 -24.12 -4.47
N ASP D 44 -16.47 -24.90 -5.46
CA ASP D 44 -17.50 -25.91 -5.26
C ASP D 44 -17.12 -26.86 -4.14
N TRP D 45 -15.84 -27.15 -4.03
CA TRP D 45 -15.34 -28.00 -2.97
C TRP D 45 -15.55 -27.27 -1.66
N LEU D 46 -15.15 -26.00 -1.64
CA LEU D 46 -15.29 -25.18 -0.46
C LEU D 46 -16.75 -25.08 -0.05
N VAL D 47 -17.66 -25.10 -1.03
CA VAL D 47 -19.07 -25.05 -0.70
C VAL D 47 -19.41 -26.32 0.08
N GLU D 48 -18.83 -27.44 -0.35
CA GLU D 48 -19.04 -28.74 0.30
C GLU D 48 -18.45 -28.72 1.69
N VAL D 49 -17.20 -28.28 1.78
CA VAL D 49 -16.53 -28.19 3.08
C VAL D 49 -17.38 -27.32 3.99
N GLY D 50 -18.05 -26.33 3.40
CA GLY D 50 -18.90 -25.44 4.19
C GLY D 50 -20.04 -26.18 4.86
N GLU D 51 -20.71 -27.02 4.08
CA GLU D 51 -21.83 -27.80 4.57
C GLU D 51 -21.35 -28.85 5.56
N GLU D 52 -20.23 -29.51 5.27
CA GLU D 52 -19.73 -30.53 6.17
C GLU D 52 -19.40 -30.00 7.56
N TYR D 53 -18.90 -28.78 7.64
CA TYR D 53 -18.55 -28.19 8.93
C TYR D 53 -19.56 -27.17 9.42
N LYS D 54 -20.74 -27.17 8.81
CA LYS D 54 -21.81 -26.25 9.17
C LYS D 54 -21.30 -24.83 9.33
N LEU D 55 -20.61 -24.33 8.33
CA LEU D 55 -20.07 -22.97 8.38
C LEU D 55 -21.06 -21.97 7.82
N GLN D 56 -20.92 -20.71 8.22
CA GLN D 56 -21.80 -19.64 7.75
C GLN D 56 -21.56 -19.33 6.28
N ASN D 57 -22.58 -18.86 5.58
CA ASN D 57 -22.41 -18.55 4.17
C ASN D 57 -21.38 -17.45 4.00
N GLU D 58 -21.46 -16.43 4.85
CA GLU D 58 -20.52 -15.33 4.78
C GLU D 58 -19.08 -15.84 4.72
N THR D 59 -18.79 -16.93 5.43
CA THR D 59 -17.45 -17.52 5.44
C THR D 59 -17.01 -18.01 4.06
N LEU D 60 -17.94 -18.63 3.34
CA LEU D 60 -17.65 -19.10 2.00
C LEU D 60 -17.27 -17.86 1.20
N HIS D 61 -18.20 -16.93 1.11
CA HIS D 61 -17.95 -15.69 0.38
C HIS D 61 -16.62 -15.04 0.74
N LEU D 62 -16.39 -14.79 2.02
CA LEU D 62 -15.15 -14.16 2.43
C LEU D 62 -13.95 -14.94 1.93
N ALA D 63 -14.00 -16.27 2.04
CA ALA D 63 -12.89 -17.10 1.62
C ALA D 63 -12.60 -16.96 0.12
N VAL D 64 -13.64 -16.91 -0.69
CA VAL D 64 -13.46 -16.77 -2.12
C VAL D 64 -12.72 -15.45 -2.43
N ASN D 65 -13.09 -14.39 -1.72
CA ASN D 65 -12.48 -13.08 -1.88
C ASN D 65 -10.98 -13.19 -1.59
N TYR D 66 -10.65 -13.84 -0.48
CA TYR D 66 -9.25 -14.01 -0.08
C TYR D 66 -8.47 -14.78 -1.15
N ILE D 67 -9.08 -15.83 -1.68
CA ILE D 67 -8.45 -16.66 -2.71
C ILE D 67 -8.17 -15.79 -3.93
N ASP D 68 -9.22 -15.17 -4.46
CA ASP D 68 -9.11 -14.31 -5.62
C ASP D 68 -8.03 -13.22 -5.45
N ARG D 69 -8.05 -12.51 -4.34
CA ARG D 69 -7.05 -11.46 -4.13
C ARG D 69 -5.65 -12.04 -4.00
N PHE D 70 -5.55 -13.23 -3.42
CA PHE D 70 -4.24 -13.86 -3.26
C PHE D 70 -3.67 -14.29 -4.61
N LEU D 71 -4.55 -14.76 -5.49
CA LEU D 71 -4.15 -15.17 -6.83
C LEU D 71 -3.88 -13.98 -7.75
N SER D 72 -4.27 -12.80 -7.29
CA SER D 72 -4.06 -11.58 -8.06
C SER D 72 -2.61 -11.09 -8.01
N SER D 73 -1.84 -11.60 -7.05
CA SER D 73 -0.43 -11.22 -6.92
C SER D 73 0.50 -12.43 -6.78
N MET D 74 0.00 -13.53 -6.21
CA MET D 74 0.80 -14.72 -6.05
C MET D 74 0.53 -15.74 -7.15
N SER D 75 1.60 -16.26 -7.74
CA SER D 75 1.47 -17.23 -8.79
C SER D 75 1.44 -18.60 -8.13
N VAL D 76 0.44 -19.41 -8.47
CA VAL D 76 0.31 -20.72 -7.87
C VAL D 76 0.20 -21.89 -8.85
N LEU D 77 0.79 -23.01 -8.47
CA LEU D 77 0.74 -24.23 -9.27
C LEU D 77 -0.53 -24.99 -8.92
N ARG D 78 -1.13 -25.64 -9.90
CA ARG D 78 -2.36 -26.39 -9.70
C ARG D 78 -2.25 -27.27 -8.46
N GLY D 79 -1.09 -27.92 -8.29
CA GLY D 79 -0.93 -28.78 -7.14
C GLY D 79 -1.05 -28.06 -5.79
N LYS D 80 -0.87 -26.75 -5.77
CA LYS D 80 -0.95 -25.98 -4.52
C LYS D 80 -2.23 -25.19 -4.33
N LEU D 81 -2.99 -24.99 -5.40
CA LEU D 81 -4.23 -24.22 -5.33
C LEU D 81 -5.07 -24.59 -4.11
N GLN D 82 -5.25 -25.88 -3.86
CA GLN D 82 -6.06 -26.30 -2.71
C GLN D 82 -5.47 -25.90 -1.38
N LEU D 83 -4.15 -25.76 -1.32
CA LEU D 83 -3.52 -25.35 -0.07
C LEU D 83 -3.94 -23.91 0.17
N VAL D 84 -3.95 -23.10 -0.89
CA VAL D 84 -4.37 -21.71 -0.77
C VAL D 84 -5.84 -21.70 -0.36
N GLY D 85 -6.65 -22.56 -0.97
CA GLY D 85 -8.06 -22.61 -0.63
C GLY D 85 -8.32 -22.92 0.84
N THR D 86 -7.70 -23.98 1.35
CA THR D 86 -7.86 -24.39 2.74
C THR D 86 -7.46 -23.27 3.70
N ALA D 87 -6.30 -22.68 3.45
CA ALA D 87 -5.83 -21.58 4.29
C ALA D 87 -6.89 -20.47 4.29
N ALA D 88 -7.36 -20.11 3.10
CA ALA D 88 -8.37 -19.07 2.97
C ALA D 88 -9.60 -19.44 3.78
N MET D 89 -10.10 -20.66 3.61
CA MET D 89 -11.28 -21.09 4.34
C MET D 89 -11.08 -20.98 5.86
N LEU D 90 -9.91 -21.38 6.33
CA LEU D 90 -9.57 -21.33 7.74
C LEU D 90 -9.58 -19.89 8.29
N LEU D 91 -8.90 -18.99 7.58
CA LEU D 91 -8.84 -17.58 7.96
C LEU D 91 -10.26 -17.00 8.01
N ALA D 92 -11.03 -17.26 6.97
CA ALA D 92 -12.40 -16.77 6.90
C ALA D 92 -13.23 -17.30 8.07
N SER D 93 -12.85 -18.46 8.59
CA SER D 93 -13.57 -19.07 9.71
C SER D 93 -13.21 -18.31 10.98
N LYS D 94 -11.91 -18.18 11.22
CA LYS D 94 -11.43 -17.48 12.38
C LYS D 94 -12.06 -16.10 12.44
N PHE D 95 -12.20 -15.48 11.28
CA PHE D 95 -12.75 -14.15 11.18
C PHE D 95 -14.24 -14.09 11.41
N GLU D 96 -14.98 -14.94 10.70
CA GLU D 96 -16.44 -14.91 10.78
C GLU D 96 -17.17 -15.82 11.77
N GLU D 97 -16.71 -17.05 11.92
CA GLU D 97 -17.36 -18.02 12.83
C GLU D 97 -17.23 -17.67 14.32
N ILE D 98 -18.25 -18.03 15.10
CA ILE D 98 -18.23 -17.78 16.54
C ILE D 98 -17.17 -18.69 17.15
N TYR D 99 -17.23 -19.97 16.77
CA TYR D 99 -16.27 -20.95 17.22
C TYR D 99 -15.73 -21.63 15.96
N PRO D 100 -14.63 -21.09 15.40
CA PRO D 100 -14.08 -21.69 14.18
C PRO D 100 -13.42 -23.05 14.43
N PRO D 101 -13.42 -23.91 13.40
CA PRO D 101 -12.82 -25.25 13.50
C PRO D 101 -11.31 -25.13 13.75
N GLU D 102 -10.72 -26.15 14.36
CA GLU D 102 -9.29 -26.11 14.64
C GLU D 102 -8.54 -26.53 13.40
N VAL D 103 -7.35 -25.97 13.24
CA VAL D 103 -6.51 -26.27 12.09
C VAL D 103 -6.58 -27.78 11.79
N ALA D 104 -6.63 -28.58 12.85
CA ALA D 104 -6.68 -30.03 12.72
C ALA D 104 -7.76 -30.47 11.74
N GLU D 105 -8.97 -29.96 11.95
CA GLU D 105 -10.10 -30.33 11.11
C GLU D 105 -9.98 -29.84 9.67
N PHE D 106 -9.30 -28.73 9.45
CA PHE D 106 -9.16 -28.28 8.09
C PHE D 106 -8.15 -29.13 7.35
N VAL D 107 -7.16 -29.62 8.07
CA VAL D 107 -6.17 -30.48 7.44
C VAL D 107 -6.89 -31.76 7.07
N TYR D 108 -7.88 -32.12 7.88
CA TYR D 108 -8.66 -33.33 7.63
C TYR D 108 -9.39 -33.29 6.29
N ILE D 109 -10.02 -32.17 5.95
CA ILE D 109 -10.76 -32.07 4.69
C ILE D 109 -9.90 -32.16 3.44
N THR D 110 -8.59 -32.04 3.57
CA THR D 110 -7.72 -32.11 2.41
C THR D 110 -7.38 -33.56 2.10
N ASP D 111 -7.85 -34.47 2.96
CA ASP D 111 -7.59 -35.90 2.83
C ASP D 111 -6.12 -36.18 3.00
N ASP D 112 -5.46 -35.33 3.79
CA ASP D 112 -4.03 -35.51 4.03
C ASP D 112 -3.25 -35.41 2.72
N THR D 113 -3.46 -34.32 2.00
CA THR D 113 -2.75 -34.08 0.76
C THR D 113 -1.79 -32.94 1.13
N TYR D 114 -1.99 -32.37 2.32
CA TYR D 114 -1.19 -31.29 2.87
C TYR D 114 -1.05 -31.48 4.38
N THR D 115 0.14 -31.20 4.92
CA THR D 115 0.38 -31.32 6.36
C THR D 115 -0.17 -30.11 7.10
N LYS D 116 -0.41 -30.29 8.39
CA LYS D 116 -0.92 -29.22 9.25
C LYS D 116 0.07 -28.05 9.21
N LYS D 117 1.36 -28.37 9.18
CA LYS D 117 2.38 -27.33 9.14
C LYS D 117 2.24 -26.51 7.86
N GLN D 118 2.04 -27.19 6.74
CA GLN D 118 1.86 -26.52 5.46
C GLN D 118 0.68 -25.56 5.55
N VAL D 119 -0.46 -26.06 6.00
CA VAL D 119 -1.65 -25.23 6.12
C VAL D 119 -1.39 -23.97 6.94
N LEU D 120 -0.60 -24.09 8.01
CA LEU D 120 -0.32 -22.93 8.85
C LEU D 120 0.64 -21.95 8.17
N ARG D 121 1.68 -22.48 7.52
CA ARG D 121 2.63 -21.62 6.83
C ARG D 121 1.88 -20.84 5.75
N MET D 122 0.91 -21.49 5.13
CA MET D 122 0.12 -20.86 4.09
C MET D 122 -0.78 -19.76 4.66
N GLU D 123 -1.29 -19.97 5.86
CA GLU D 123 -2.15 -18.97 6.49
C GLU D 123 -1.31 -17.71 6.74
N HIS D 124 -0.08 -17.92 7.17
CA HIS D 124 0.86 -16.83 7.44
C HIS D 124 1.10 -16.10 6.12
N LEU D 125 1.34 -16.84 5.05
CA LEU D 125 1.58 -16.24 3.75
C LEU D 125 0.37 -15.46 3.28
N VAL D 126 -0.81 -16.08 3.36
CA VAL D 126 -2.03 -15.40 2.95
C VAL D 126 -2.24 -14.13 3.77
N LEU D 127 -1.92 -14.19 5.06
CA LEU D 127 -2.06 -13.02 5.92
C LEU D 127 -1.08 -11.94 5.46
N LYS D 128 0.14 -12.35 5.16
CA LYS D 128 1.18 -11.44 4.69
C LYS D 128 0.75 -10.80 3.38
N VAL D 129 0.37 -11.62 2.41
CA VAL D 129 -0.04 -11.13 1.10
C VAL D 129 -1.32 -10.26 1.13
N LEU D 130 -2.35 -10.67 1.86
CA LEU D 130 -3.58 -9.89 1.95
C LEU D 130 -3.42 -8.74 2.96
N THR D 131 -2.20 -8.60 3.49
CA THR D 131 -1.89 -7.56 4.46
C THR D 131 -2.98 -7.44 5.54
N PHE D 132 -3.32 -8.60 6.09
CA PHE D 132 -4.31 -8.68 7.14
C PHE D 132 -5.65 -8.04 6.89
N ASP D 133 -5.87 -7.53 5.69
CA ASP D 133 -7.16 -6.91 5.41
C ASP D 133 -8.15 -7.98 5.03
N LEU D 134 -9.00 -8.36 6.00
CA LEU D 134 -9.97 -9.42 5.79
C LEU D 134 -11.44 -9.00 5.89
N ALA D 135 -11.70 -7.81 6.41
CA ALA D 135 -13.10 -7.38 6.55
C ALA D 135 -13.71 -6.93 5.22
N ALA D 136 -13.51 -7.73 4.18
CA ALA D 136 -14.01 -7.46 2.84
C ALA D 136 -15.52 -7.56 2.65
N PRO D 137 -16.13 -6.57 1.96
CA PRO D 137 -17.59 -6.63 1.74
C PRO D 137 -17.90 -7.84 0.84
N THR D 138 -19.04 -8.49 1.06
CA THR D 138 -19.41 -9.65 0.28
C THR D 138 -20.80 -9.50 -0.34
N VAL D 139 -21.07 -10.33 -1.35
CA VAL D 139 -22.36 -10.35 -2.03
C VAL D 139 -23.42 -10.64 -0.98
N ASN D 140 -23.03 -11.46 -0.01
CA ASN D 140 -23.94 -11.84 1.07
C ASN D 140 -24.30 -10.60 1.92
N GLN D 141 -23.29 -9.80 2.25
CA GLN D 141 -23.50 -8.59 3.07
C GLN D 141 -24.50 -7.65 2.41
N PHE D 142 -24.19 -7.22 1.19
CA PHE D 142 -25.08 -6.30 0.48
C PHE D 142 -26.47 -6.90 0.34
N LEU D 143 -26.51 -8.19 0.06
CA LEU D 143 -27.77 -8.88 -0.10
C LEU D 143 -28.58 -8.76 1.20
N THR D 144 -27.87 -8.76 2.33
CA THR D 144 -28.50 -8.64 3.66
C THR D 144 -29.12 -7.26 3.80
N GLN D 145 -28.36 -6.23 3.42
CA GLN D 145 -28.84 -4.85 3.48
C GLN D 145 -30.11 -4.74 2.65
N TYR D 146 -30.06 -5.27 1.42
CA TYR D 146 -31.18 -5.21 0.52
C TYR D 146 -32.42 -5.91 1.05
N PHE D 147 -32.25 -6.96 1.83
CA PHE D 147 -33.41 -7.68 2.34
C PHE D 147 -34.36 -6.85 3.21
N LEU D 148 -33.82 -5.85 3.91
CA LEU D 148 -34.63 -4.98 4.76
C LEU D 148 -35.67 -4.19 3.98
N HIS D 149 -35.46 -4.03 2.68
CA HIS D 149 -36.39 -3.28 1.83
C HIS D 149 -37.49 -4.13 1.21
N GLN D 150 -37.65 -5.34 1.73
CA GLN D 150 -38.70 -6.21 1.22
C GLN D 150 -40.03 -5.77 1.80
N GLN D 151 -41.07 -5.88 1.00
CA GLN D 151 -42.39 -5.46 1.43
C GLN D 151 -43.44 -6.42 0.86
N PRO D 152 -43.75 -7.50 1.59
CA PRO D 152 -43.14 -7.84 2.90
C PRO D 152 -42.01 -8.86 2.69
N ALA D 153 -41.42 -9.32 3.78
CA ALA D 153 -40.34 -10.28 3.67
C ALA D 153 -40.87 -11.60 3.14
N ASN D 154 -40.11 -12.22 2.26
CA ASN D 154 -40.47 -13.50 1.68
C ASN D 154 -39.26 -14.41 1.83
N CYS D 155 -39.32 -15.31 2.81
CA CYS D 155 -38.20 -16.21 3.08
C CYS D 155 -37.76 -17.06 1.90
N LYS D 156 -38.65 -17.27 0.93
CA LYS D 156 -38.29 -18.04 -0.25
C LYS D 156 -37.42 -17.14 -1.14
N VAL D 157 -37.91 -15.93 -1.41
CA VAL D 157 -37.18 -14.96 -2.20
C VAL D 157 -35.75 -14.78 -1.67
N GLU D 158 -35.65 -14.69 -0.35
CA GLU D 158 -34.35 -14.54 0.30
C GLU D 158 -33.43 -15.71 0.02
N SER D 159 -33.96 -16.92 0.16
CA SER D 159 -33.16 -18.11 -0.10
C SER D 159 -32.67 -18.12 -1.54
N LEU D 160 -33.60 -17.88 -2.47
CA LEU D 160 -33.28 -17.87 -3.89
C LEU D 160 -32.21 -16.82 -4.24
N ALA D 161 -32.25 -15.70 -3.54
CA ALA D 161 -31.27 -14.65 -3.77
C ALA D 161 -29.93 -15.16 -3.28
N MET D 162 -29.95 -15.86 -2.16
CA MET D 162 -28.73 -16.42 -1.58
C MET D 162 -28.10 -17.46 -2.50
N PHE D 163 -28.95 -18.28 -3.09
CA PHE D 163 -28.55 -19.33 -4.01
C PHE D 163 -27.88 -18.69 -5.24
N LEU D 164 -28.61 -17.80 -5.91
CA LEU D 164 -28.08 -17.13 -7.08
C LEU D 164 -26.76 -16.46 -6.76
N GLY D 165 -26.69 -15.84 -5.58
CA GLY D 165 -25.48 -15.15 -5.17
C GLY D 165 -24.28 -16.06 -5.07
N GLU D 166 -24.50 -17.30 -4.64
CA GLU D 166 -23.42 -18.27 -4.49
C GLU D 166 -22.98 -18.81 -5.84
N LEU D 167 -23.95 -19.06 -6.72
CA LEU D 167 -23.62 -19.56 -8.05
C LEU D 167 -22.57 -18.67 -8.68
N SER D 168 -22.61 -17.38 -8.34
CA SER D 168 -21.69 -16.40 -8.91
C SER D 168 -20.26 -16.59 -8.45
N LEU D 169 -20.10 -17.14 -7.24
CA LEU D 169 -18.77 -17.38 -6.68
C LEU D 169 -18.01 -18.41 -7.51
N ILE D 170 -18.75 -19.37 -8.05
CA ILE D 170 -18.19 -20.45 -8.84
C ILE D 170 -17.42 -20.03 -10.09
N ASP D 171 -18.00 -19.10 -10.84
CA ASP D 171 -17.40 -18.67 -12.10
C ASP D 171 -16.75 -17.31 -12.19
N ALA D 172 -15.42 -17.29 -12.17
CA ALA D 172 -14.72 -16.03 -12.34
C ALA D 172 -15.07 -15.66 -13.77
N ASP D 173 -15.25 -16.70 -14.59
CA ASP D 173 -15.60 -16.64 -16.02
C ASP D 173 -16.22 -15.31 -16.45
N PRO D 174 -17.29 -14.88 -15.75
CA PRO D 174 -17.96 -13.60 -16.04
C PRO D 174 -18.06 -12.68 -14.80
N TYR D 175 -18.33 -13.27 -13.62
CA TYR D 175 -18.54 -12.48 -12.41
C TYR D 175 -17.40 -11.76 -11.72
N LEU D 176 -16.17 -12.14 -12.00
CA LEU D 176 -15.03 -11.49 -11.37
C LEU D 176 -14.95 -10.02 -11.73
N LYS D 177 -15.86 -9.56 -12.59
CA LYS D 177 -15.85 -8.17 -13.02
C LYS D 177 -17.04 -7.33 -12.54
N TYR D 178 -17.87 -7.90 -11.67
CA TYR D 178 -19.00 -7.19 -11.10
C TYR D 178 -18.72 -7.06 -9.59
N LEU D 179 -18.98 -5.89 -9.03
CA LEU D 179 -18.76 -5.68 -7.60
C LEU D 179 -19.86 -6.38 -6.82
N PRO D 180 -19.55 -6.75 -5.57
CA PRO D 180 -20.50 -7.43 -4.68
C PRO D 180 -21.90 -6.82 -4.71
N SER D 181 -21.97 -5.49 -4.57
CA SER D 181 -23.25 -4.78 -4.57
C SER D 181 -24.09 -4.97 -5.82
N VAL D 182 -23.42 -5.06 -6.97
CA VAL D 182 -24.12 -5.24 -8.25
C VAL D 182 -24.66 -6.68 -8.40
N ILE D 183 -23.82 -7.68 -8.14
CA ILE D 183 -24.26 -9.07 -8.21
C ILE D 183 -25.44 -9.18 -7.23
N ALA D 184 -25.27 -8.64 -6.03
CA ALA D 184 -26.32 -8.66 -5.02
C ALA D 184 -27.59 -8.05 -5.59
N GLY D 185 -27.43 -6.91 -6.27
CA GLY D 185 -28.59 -6.25 -6.87
C GLY D 185 -29.25 -7.15 -7.89
N ALA D 186 -28.44 -7.77 -8.73
CA ALA D 186 -28.96 -8.68 -9.74
C ALA D 186 -29.66 -9.88 -9.06
N ALA D 187 -28.98 -10.47 -8.07
CA ALA D 187 -29.54 -11.61 -7.35
C ALA D 187 -30.89 -11.31 -6.71
N PHE D 188 -31.00 -10.15 -6.08
CA PHE D 188 -32.25 -9.77 -5.41
C PHE D 188 -33.39 -9.63 -6.41
N HIS D 189 -33.16 -8.88 -7.48
CA HIS D 189 -34.18 -8.68 -8.49
C HIS D 189 -34.63 -10.01 -9.09
N LEU D 190 -33.65 -10.82 -9.47
CA LEU D 190 -33.95 -12.11 -10.08
C LEU D 190 -34.74 -13.02 -9.15
N ALA D 191 -34.30 -13.12 -7.89
CA ALA D 191 -35.01 -13.95 -6.93
C ALA D 191 -36.44 -13.42 -6.81
N LEU D 192 -36.50 -12.12 -6.56
CA LEU D 192 -37.75 -11.41 -6.39
C LEU D 192 -38.71 -11.70 -7.56
N TYR D 193 -38.21 -11.46 -8.77
CA TYR D 193 -39.00 -11.67 -9.98
C TYR D 193 -39.51 -13.10 -10.15
N THR D 194 -38.64 -14.06 -9.86
CA THR D 194 -38.98 -15.48 -9.97
C THR D 194 -40.06 -15.90 -8.99
N VAL D 195 -39.85 -15.57 -7.72
CA VAL D 195 -40.79 -15.94 -6.67
C VAL D 195 -42.09 -15.14 -6.68
N THR D 196 -41.98 -13.82 -6.48
CA THR D 196 -43.14 -12.94 -6.41
C THR D 196 -43.53 -12.28 -7.73
N GLY D 197 -42.58 -12.12 -8.64
CA GLY D 197 -42.89 -11.49 -9.91
C GLY D 197 -42.80 -9.99 -9.83
N GLN D 198 -42.17 -9.51 -8.77
CA GLN D 198 -41.98 -8.08 -8.55
C GLN D 198 -40.62 -7.72 -9.13
N SER D 199 -40.22 -6.46 -9.03
CA SER D 199 -38.93 -6.03 -9.57
C SER D 199 -38.10 -5.24 -8.59
N TRP D 200 -36.82 -5.07 -8.93
CA TRP D 200 -35.90 -4.28 -8.12
C TRP D 200 -36.74 -3.08 -7.65
N PRO D 201 -36.98 -2.98 -6.33
CA PRO D 201 -37.78 -1.90 -5.71
C PRO D 201 -37.23 -0.47 -5.74
N GLU D 202 -38.16 0.47 -5.86
CA GLU D 202 -37.82 1.89 -5.91
C GLU D 202 -36.94 2.29 -4.71
N SER D 203 -37.34 1.84 -3.53
CA SER D 203 -36.60 2.15 -2.30
C SER D 203 -35.11 1.82 -2.43
N LEU D 204 -34.80 0.69 -3.06
CA LEU D 204 -33.41 0.27 -3.23
C LEU D 204 -32.73 1.08 -4.33
N ILE D 205 -33.50 1.47 -5.35
CA ILE D 205 -32.95 2.27 -6.43
C ILE D 205 -32.39 3.54 -5.81
N ARG D 206 -33.18 4.15 -4.93
CA ARG D 206 -32.77 5.37 -4.24
C ARG D 206 -31.56 5.11 -3.34
N LYS D 207 -31.60 4.01 -2.59
CA LYS D 207 -30.52 3.67 -1.67
C LYS D 207 -29.20 3.37 -2.37
N THR D 208 -29.23 2.56 -3.42
CA THR D 208 -28.02 2.16 -4.13
C THR D 208 -27.62 3.04 -5.31
N GLY D 209 -28.61 3.63 -5.96
CA GLY D 209 -28.33 4.46 -7.11
C GLY D 209 -28.28 3.59 -8.36
N TYR D 210 -28.65 2.32 -8.17
CA TYR D 210 -28.69 1.37 -9.26
C TYR D 210 -30.10 1.32 -9.77
N THR D 211 -30.26 1.45 -11.08
CA THR D 211 -31.57 1.38 -11.69
C THR D 211 -31.64 0.00 -12.29
N LEU D 212 -32.84 -0.47 -12.60
CA LEU D 212 -32.95 -1.79 -13.19
C LEU D 212 -32.06 -1.85 -14.43
N GLU D 213 -31.89 -0.71 -15.08
CA GLU D 213 -31.05 -0.67 -16.28
C GLU D 213 -29.58 -0.90 -15.91
N SER D 214 -29.15 -0.31 -14.79
CA SER D 214 -27.77 -0.46 -14.32
C SER D 214 -27.44 -1.94 -14.20
N LEU D 215 -28.39 -2.69 -13.65
CA LEU D 215 -28.26 -4.11 -13.40
C LEU D 215 -28.41 -5.04 -14.60
N LYS D 216 -29.00 -4.55 -15.69
CA LYS D 216 -29.21 -5.39 -16.87
C LYS D 216 -28.00 -6.24 -17.30
N PRO D 217 -26.80 -5.63 -17.40
CA PRO D 217 -25.68 -6.47 -17.82
C PRO D 217 -25.49 -7.72 -16.94
N CYS D 218 -25.23 -7.49 -15.66
CA CYS D 218 -25.02 -8.55 -14.68
C CYS D 218 -26.28 -9.42 -14.56
N LEU D 219 -27.42 -8.79 -14.75
CA LEU D 219 -28.69 -9.49 -14.66
C LEU D 219 -28.77 -10.50 -15.79
N MET D 220 -28.24 -10.15 -16.96
CA MET D 220 -28.26 -11.03 -18.13
C MET D 220 -27.43 -12.27 -17.83
N ASP D 221 -26.21 -12.04 -17.34
CA ASP D 221 -25.27 -13.10 -16.99
C ASP D 221 -25.84 -14.02 -15.90
N LEU D 222 -26.36 -13.42 -14.85
CA LEU D 222 -26.94 -14.15 -13.73
C LEU D 222 -28.15 -14.95 -14.18
N HIS D 223 -28.89 -14.41 -15.15
CA HIS D 223 -30.05 -15.14 -15.65
C HIS D 223 -29.54 -16.35 -16.46
N GLN D 224 -28.42 -16.17 -17.12
CA GLN D 224 -27.83 -17.26 -17.90
C GLN D 224 -27.40 -18.39 -16.97
N THR D 225 -26.67 -18.04 -15.91
CA THR D 225 -26.21 -19.02 -14.95
C THR D 225 -27.37 -19.79 -14.34
N TYR D 226 -28.42 -19.08 -13.92
CA TYR D 226 -29.60 -19.70 -13.33
C TYR D 226 -30.17 -20.73 -14.31
N LEU D 227 -30.36 -20.32 -15.55
CA LEU D 227 -30.90 -21.21 -16.57
C LEU D 227 -30.06 -22.47 -16.73
N LYS D 228 -28.75 -22.28 -16.78
CA LYS D 228 -27.80 -23.37 -16.99
C LYS D 228 -27.35 -24.17 -15.79
N ALA D 229 -27.61 -23.65 -14.58
CA ALA D 229 -27.18 -24.33 -13.35
C ALA D 229 -27.29 -25.86 -13.37
N PRO D 230 -28.41 -26.41 -13.88
CA PRO D 230 -28.54 -27.87 -13.90
C PRO D 230 -27.49 -28.57 -14.73
N GLN D 231 -26.93 -27.88 -15.72
CA GLN D 231 -25.91 -28.49 -16.58
C GLN D 231 -24.51 -28.01 -16.28
N HIS D 232 -24.30 -27.39 -15.13
CA HIS D 232 -22.97 -26.91 -14.78
C HIS D 232 -22.21 -28.08 -14.19
N ALA D 233 -20.93 -28.17 -14.54
CA ALA D 233 -20.06 -29.24 -14.03
C ALA D 233 -20.11 -29.26 -12.51
N GLN D 234 -20.19 -28.08 -11.90
CA GLN D 234 -20.27 -27.98 -10.44
C GLN D 234 -21.73 -27.94 -9.94
N GLN D 235 -22.03 -28.81 -8.97
CA GLN D 235 -23.38 -28.91 -8.44
C GLN D 235 -23.54 -28.83 -6.93
N SER D 236 -22.44 -28.65 -6.20
CA SER D 236 -22.55 -28.59 -4.76
C SER D 236 -23.56 -27.54 -4.26
N ILE D 237 -23.57 -26.35 -4.85
CA ILE D 237 -24.52 -25.34 -4.42
C ILE D 237 -25.98 -25.77 -4.64
N ARG D 238 -26.29 -26.30 -5.82
CA ARG D 238 -27.65 -26.77 -6.11
C ARG D 238 -28.07 -27.83 -5.09
N GLU D 239 -27.16 -28.75 -4.81
CA GLU D 239 -27.40 -29.81 -3.84
C GLU D 239 -27.70 -29.19 -2.47
N LYS D 240 -26.87 -28.22 -2.08
CA LYS D 240 -27.04 -27.52 -0.83
C LYS D 240 -28.40 -26.83 -0.69
N TYR D 241 -28.86 -26.18 -1.76
CA TYR D 241 -30.14 -25.48 -1.67
C TYR D 241 -31.39 -26.32 -1.87
N LYS D 242 -31.21 -27.63 -1.85
CA LYS D 242 -32.34 -28.54 -1.97
C LYS D 242 -32.89 -28.70 -0.54
N ASN D 243 -31.99 -28.53 0.43
CA ASN D 243 -32.30 -28.64 1.85
C ASN D 243 -33.52 -27.79 2.25
N SER D 244 -34.43 -28.36 3.04
CA SER D 244 -35.63 -27.64 3.49
C SER D 244 -35.21 -26.34 4.19
N LYS D 245 -33.98 -26.32 4.68
CA LYS D 245 -33.42 -25.16 5.34
C LYS D 245 -33.48 -23.96 4.38
N TYR D 246 -33.28 -24.23 3.08
CA TYR D 246 -33.32 -23.18 2.06
C TYR D 246 -34.58 -23.33 1.23
N HIS D 247 -35.55 -24.08 1.74
CA HIS D 247 -36.83 -24.29 1.07
C HIS D 247 -36.71 -24.87 -0.33
N GLY D 248 -35.64 -25.61 -0.58
CA GLY D 248 -35.43 -26.21 -1.88
C GLY D 248 -35.51 -25.26 -3.05
N VAL D 249 -35.19 -24.00 -2.84
CA VAL D 249 -35.27 -23.03 -3.93
C VAL D 249 -34.50 -23.42 -5.19
N SER D 250 -33.44 -24.22 -5.05
CA SER D 250 -32.67 -24.63 -6.23
C SER D 250 -33.51 -25.47 -7.21
N LEU D 251 -34.65 -25.95 -6.74
CA LEU D 251 -35.55 -26.75 -7.56
C LEU D 251 -36.62 -25.92 -8.26
N LEU D 252 -36.67 -24.63 -7.96
CA LEU D 252 -37.66 -23.74 -8.60
C LEU D 252 -37.36 -23.61 -10.09
N ASN D 253 -38.40 -23.37 -10.88
CA ASN D 253 -38.21 -23.18 -12.31
C ASN D 253 -37.84 -21.71 -12.56
N PRO D 254 -36.65 -21.48 -13.14
CA PRO D 254 -36.26 -20.09 -13.39
C PRO D 254 -37.13 -19.39 -14.43
N PRO D 255 -37.09 -18.05 -14.45
CA PRO D 255 -37.90 -17.32 -15.41
C PRO D 255 -37.36 -17.54 -16.84
N GLU D 256 -38.26 -17.73 -17.79
CA GLU D 256 -37.85 -17.93 -19.17
C GLU D 256 -37.37 -16.61 -19.75
N THR D 257 -38.04 -15.54 -19.36
CA THR D 257 -37.67 -14.22 -19.83
C THR D 257 -37.78 -13.23 -18.68
N LEU D 258 -36.93 -12.21 -18.69
CA LEU D 258 -36.96 -11.23 -17.62
C LEU D 258 -37.75 -9.99 -18.03
N ASN D 259 -38.24 -9.99 -19.27
CA ASN D 259 -39.02 -8.87 -19.79
C ASN D 259 -38.36 -7.53 -19.52
N LEU D 260 -37.04 -7.47 -19.65
CA LEU D 260 -36.34 -6.21 -19.42
C LEU D 260 -36.36 -5.38 -20.69
O1 107 E . 16.06 -15.68 -13.76
C2 107 E . 16.56 -14.65 -13.29
N3 107 E . 15.89 -13.65 -12.69
C4 107 E . 16.72 -12.62 -12.38
C5 107 E . 16.39 -11.30 -11.79
C6 107 E . 17.46 -10.33 -11.54
C7 107 E . 18.83 -10.65 -11.91
N8 107 E . 20.00 -9.91 -11.77
C9 107 E . 21.10 -10.57 -12.19
S10 107 E . 20.81 -12.08 -12.89
C11 107 E . 19.17 -11.99 -12.55
C12 107 E . 18.08 -12.96 -12.75
C13 107 E . 18.03 -14.30 -13.31
C14 107 E . 19.00 -15.07 -13.81
N15 107 E . 18.67 -16.12 -14.82
C16 107 E . 19.52 -16.88 -15.52
C17 107 E . 20.81 -16.38 -16.08
C18 107 E . 21.72 -17.30 -16.74
C19 107 E . 21.31 -18.71 -16.96
C20 107 E . 20.04 -19.22 -16.41
C21 107 E . 19.14 -18.30 -15.70
S22 107 E . 22.37 -19.74 -17.90
O23 107 E . 21.93 -21.10 -17.83
O24 107 E . 22.50 -19.10 -19.18
N25 107 E . 23.87 -19.72 -17.18
C27 107 E . 23.94 -21.84 -13.97
C28 107 E . 25.20 -21.33 -13.37
C29 107 E . 25.89 -20.21 -14.07
N30 107 E . 25.36 -19.67 -15.28
C31 107 E . 24.19 -20.23 -15.92
C32 107 E . 23.41 -21.31 -15.23
O1 107 F . -1.25 1.62 26.09
C2 107 F . -1.89 0.72 25.56
N3 107 F . -2.16 0.58 24.24
C4 107 F . -2.93 -0.50 24.04
C5 107 F . -3.62 -0.96 22.81
C6 107 F . -4.54 -2.11 22.87
C7 107 F . -4.76 -2.82 24.13
N8 107 F . -5.61 -3.87 24.49
C9 107 F . -5.51 -4.26 25.79
S10 107 F . -4.36 -3.38 26.66
C11 107 F . -3.99 -2.39 25.36
C12 107 F . -3.13 -1.20 25.28
C13 107 F . -2.50 -0.41 26.31
C14 107 F . -2.55 -0.57 27.65
N15 107 F . -2.45 0.56 28.57
C16 107 F . -2.58 0.53 29.91
C17 107 F . -3.81 0.07 30.59
C18 107 F . -3.94 0.20 32.04
C19 107 F . -2.84 0.80 32.84
C20 107 F . -1.61 1.26 32.15
C21 107 F . -1.46 1.11 30.69
S22 107 F . -3.00 0.90 34.61
O23 107 F . -2.55 2.23 34.92
O24 107 F . -4.33 0.56 35.03
N25 107 F . -1.98 -0.24 35.28
C27 107 F . 1.73 0.71 35.41
C28 107 F . 2.36 -0.63 35.32
C29 107 F . 1.45 -1.78 35.17
N30 107 F . 0.01 -1.61 35.15
C31 107 F . -0.59 -0.31 35.28
C32 107 F . 0.26 0.90 35.42
#